data_5V38
#
_entry.id   5V38
#
_cell.length_a   77.940
_cell.length_b   80.121
_cell.length_c   78.380
_cell.angle_alpha   90.00
_cell.angle_beta   105.94
_cell.angle_gamma   90.00
#
_symmetry.space_group_name_H-M   'P 1 21 1'
#
loop_
_entity.id
_entity.type
_entity.pdbx_description
1 polymer HcHA
2 non-polymer 'ACETIC ACID'
3 water water
#
_entity_poly.entity_id   1
_entity_poly.type   'polypeptide(L)'
_entity_poly.pdbx_seq_one_letter_code
;GPLGSMELKYNCILNIKYEMDRDKLVDSSGYRSRINIGTGVKFSEIDKNQVQLSNLESSKIEVILNNGVIYNSMYENFST
SFWIRIPKYFRNINNEYKIISCMQNNSGWEVSLNFSNMNSKIIWTLQDTEGIKKTVVFQYTQNINISDYINRWIFVTITN
NRLSNSKIYINGRLINEESISDLGNIHASNNIMFKLDGCRDPHRYIWIKYFNLFDKELNKKEIKDLYDNQSNSGILKDFW
GDYLQYDKPYYMLNLYDPNKYLDVNNVGIRGYMYLKGPRGRIVTTNIYLNSTLYMGTKFIIKKYASGNKDNIVRNNDRVY
INVVVKNKEYRLATNASQAGVEKILSAVEIPDVGNLSQVVVMKSENDQGIRNKCKMNLQDNNGNDIGFIGFHQFNNIAKL
VASNWYNRQIGKASRTFGCSWEFIPVDDGWGESSL
;
_entity_poly.pdbx_strand_id   A,B
#
loop_
_chem_comp.id
_chem_comp.type
_chem_comp.name
_chem_comp.formula
ACY non-polymer 'ACETIC ACID' 'C2 H4 O2'
#
# COMPACT_ATOMS: atom_id res chain seq x y z
N TYR A 10 29.36 -2.79 18.72
CA TYR A 10 27.95 -2.60 19.06
C TYR A 10 27.69 -2.59 20.56
N ASN A 11 28.73 -2.68 21.37
CA ASN A 11 28.57 -2.86 22.82
C ASN A 11 27.65 -4.03 23.13
N CYS A 12 27.84 -5.15 22.42
CA CYS A 12 27.02 -6.34 22.60
C CYS A 12 27.29 -6.98 23.96
N ILE A 13 26.23 -7.25 24.73
CA ILE A 13 26.42 -7.83 26.05
C ILE A 13 25.71 -9.17 26.19
N LEU A 14 25.07 -9.61 25.09
CA LEU A 14 24.48 -10.94 25.03
C LEU A 14 24.25 -11.29 23.57
N ASN A 15 24.70 -12.46 23.15
CA ASN A 15 24.59 -12.86 21.75
C ASN A 15 24.34 -14.36 21.72
N ILE A 16 23.07 -14.73 21.60
CA ILE A 16 22.68 -16.13 21.64
C ILE A 16 22.91 -16.72 20.26
N LYS A 17 23.78 -17.71 20.23
CA LYS A 17 24.24 -18.26 18.96
C LYS A 17 24.44 -19.77 19.09
N TYR A 18 24.02 -20.51 18.08
CA TYR A 18 24.30 -21.93 18.05
C TYR A 18 25.79 -22.17 17.85
N GLU A 19 26.36 -23.06 18.65
CA GLU A 19 27.76 -23.41 18.45
C GLU A 19 27.90 -24.86 18.01
N MET A 20 28.54 -25.09 16.87
CA MET A 20 28.59 -26.42 16.26
C MET A 20 29.41 -27.39 17.10
N ASP A 21 30.53 -26.92 17.64
CA ASP A 21 31.46 -27.77 18.36
C ASP A 21 30.79 -28.48 19.54
N ARG A 22 30.12 -27.73 20.39
CA ARG A 22 29.45 -28.32 21.54
C ARG A 22 27.97 -28.61 21.27
N ASP A 23 27.53 -28.42 20.01
CA ASP A 23 26.15 -28.69 19.59
C ASP A 23 25.12 -28.07 20.53
N LYS A 24 25.17 -26.75 20.71
CA LYS A 24 24.42 -26.13 21.78
C LYS A 24 24.31 -24.61 21.54
N LEU A 25 23.24 -24.01 22.02
CA LEU A 25 23.13 -22.55 22.09
C LEU A 25 24.06 -22.01 23.16
N VAL A 26 24.85 -20.99 22.85
CA VAL A 26 25.71 -20.37 23.86
C VAL A 26 25.65 -18.85 23.77
N ASP A 27 26.16 -18.19 24.79
CA ASP A 27 26.35 -16.75 24.72
C ASP A 27 27.75 -16.52 24.16
N SER A 28 27.84 -15.90 22.99
CA SER A 28 29.13 -15.65 22.37
C SER A 28 29.58 -14.20 22.51
N SER A 29 28.91 -13.44 23.37
CA SER A 29 29.25 -12.04 23.58
C SER A 29 30.60 -11.86 24.28
N GLY A 30 31.01 -12.86 25.05
CA GLY A 30 32.21 -12.73 25.86
C GLY A 30 31.91 -12.69 27.34
N TYR A 31 30.64 -12.52 27.69
CA TYR A 31 30.21 -12.40 29.08
C TYR A 31 29.78 -13.73 29.69
N ARG A 32 29.65 -14.76 28.86
CA ARG A 32 29.42 -16.13 29.32
C ARG A 32 28.15 -16.31 30.14
N SER A 33 27.09 -15.60 29.77
CA SER A 33 25.79 -15.86 30.39
C SER A 33 25.35 -17.29 30.08
N ARG A 34 24.76 -17.94 31.07
CA ARG A 34 24.36 -19.35 30.95
C ARG A 34 23.01 -19.46 30.25
N ILE A 35 22.89 -20.45 29.38
CA ILE A 35 21.65 -20.63 28.62
C ILE A 35 21.07 -22.02 28.87
N ASN A 36 20.00 -22.08 29.64
CA ASN A 36 19.34 -23.33 29.99
C ASN A 36 18.16 -23.61 29.05
N ILE A 37 18.14 -24.79 28.46
CA ILE A 37 17.11 -25.13 27.49
C ILE A 37 16.14 -26.16 28.04
N GLY A 38 14.85 -25.88 27.91
CA GLY A 38 13.83 -26.83 28.30
C GLY A 38 13.67 -27.91 27.24
N THR A 39 13.09 -29.04 27.64
CA THR A 39 12.94 -30.18 26.74
C THR A 39 11.85 -29.99 25.69
N GLY A 40 11.09 -28.91 25.83
CA GLY A 40 9.97 -28.65 24.94
C GLY A 40 10.37 -27.72 23.81
N VAL A 41 11.62 -27.25 23.83
CA VAL A 41 12.14 -26.45 22.72
C VAL A 41 12.49 -27.34 21.53
N LYS A 42 12.06 -26.95 20.33
CA LYS A 42 12.40 -27.69 19.13
C LYS A 42 13.36 -26.88 18.26
N PHE A 43 14.24 -27.58 17.55
CA PHE A 43 15.25 -26.94 16.73
C PHE A 43 15.00 -27.25 15.26
N SER A 44 15.29 -26.29 14.39
CA SER A 44 15.34 -26.57 12.96
C SER A 44 16.52 -27.52 12.70
N GLU A 45 16.34 -28.52 11.86
CA GLU A 45 17.46 -29.43 11.59
C GLU A 45 18.38 -28.82 10.52
N ILE A 46 17.85 -27.84 9.79
CA ILE A 46 18.59 -27.16 8.73
C ILE A 46 19.44 -26.00 9.29
N ASP A 47 18.88 -25.28 10.25
CA ASP A 47 19.58 -24.15 10.86
C ASP A 47 19.34 -24.16 12.36
N LYS A 48 20.33 -24.66 13.10
CA LYS A 48 20.18 -24.87 14.53
C LYS A 48 20.02 -23.58 15.35
N ASN A 49 20.18 -22.42 14.73
CA ASN A 49 19.87 -21.17 15.43
C ASN A 49 18.37 -20.93 15.54
N GLN A 50 17.60 -21.59 14.68
CA GLN A 50 16.15 -21.39 14.69
C GLN A 50 15.51 -22.30 15.73
N VAL A 51 14.96 -21.71 16.78
CA VAL A 51 14.28 -22.49 17.79
C VAL A 51 12.80 -22.15 17.89
N GLN A 52 12.02 -23.17 18.20
CA GLN A 52 10.57 -23.05 18.23
C GLN A 52 10.10 -23.15 19.67
N LEU A 53 9.36 -22.15 20.12
CA LEU A 53 8.75 -22.15 21.44
C LEU A 53 7.26 -22.32 21.31
N SER A 54 6.74 -23.41 21.85
CA SER A 54 5.32 -23.69 21.78
C SER A 54 4.67 -23.41 23.13
N ASN A 55 3.36 -23.62 23.22
CA ASN A 55 2.63 -23.24 24.43
C ASN A 55 2.64 -24.41 25.41
N LEU A 56 3.85 -24.72 25.87
CA LEU A 56 4.12 -25.79 26.82
C LEU A 56 5.08 -25.28 27.86
N GLU A 57 4.89 -25.68 29.11
CA GLU A 57 5.75 -25.25 30.21
C GLU A 57 7.23 -25.56 29.96
N SER A 58 7.49 -26.72 29.34
CA SER A 58 8.87 -27.14 29.07
C SER A 58 9.48 -26.45 27.86
N SER A 59 8.67 -25.70 27.11
CA SER A 59 9.16 -25.07 25.90
C SER A 59 9.64 -23.67 26.22
N LYS A 60 10.82 -23.59 26.83
CA LYS A 60 11.35 -22.34 27.33
C LYS A 60 12.86 -22.33 27.27
N ILE A 61 13.42 -21.14 27.21
CA ILE A 61 14.86 -20.96 27.28
C ILE A 61 15.10 -19.91 28.33
N GLU A 62 15.92 -20.22 29.33
CA GLU A 62 16.22 -19.24 30.37
C GLU A 62 17.70 -18.86 30.30
N VAL A 63 17.95 -17.55 30.21
CA VAL A 63 19.30 -17.02 30.24
C VAL A 63 19.60 -16.51 31.65
N ILE A 64 20.65 -17.05 32.27
CA ILE A 64 21.12 -16.58 33.57
C ILE A 64 22.18 -15.55 33.30
N LEU A 65 21.84 -14.28 33.46
CA LEU A 65 22.73 -13.20 33.07
C LEU A 65 23.97 -13.10 33.94
N ASN A 66 25.09 -12.92 33.27
CA ASN A 66 26.32 -12.49 33.90
C ASN A 66 26.02 -11.28 34.75
N ASN A 67 26.49 -11.29 35.99
CA ASN A 67 26.17 -10.22 36.93
C ASN A 67 26.43 -8.82 36.38
N GLY A 68 27.44 -8.71 35.53
CA GLY A 68 27.84 -7.42 34.97
C GLY A 68 26.91 -6.86 33.90
N VAL A 69 25.97 -7.67 33.41
CA VAL A 69 25.09 -7.20 32.35
C VAL A 69 23.64 -7.13 32.79
N ILE A 70 23.40 -7.39 34.07
CA ILE A 70 22.07 -7.21 34.64
C ILE A 70 21.70 -5.72 34.65
N TYR A 71 20.49 -5.40 34.17
CA TYR A 71 20.06 -4.01 34.04
C TYR A 71 19.39 -3.47 35.31
N ASN A 72 20.01 -2.45 35.89
CA ASN A 72 19.39 -1.75 37.02
C ASN A 72 19.84 -0.30 36.95
N SER A 73 19.06 0.55 36.29
CA SER A 73 19.52 1.90 35.96
C SER A 73 18.40 2.89 35.66
N MET A 74 18.65 4.16 35.95
CA MET A 74 17.79 5.25 35.53
C MET A 74 18.20 5.83 34.16
N TYR A 75 19.44 5.56 33.73
CA TYR A 75 20.01 6.33 32.63
C TYR A 75 20.71 5.51 31.53
N GLU A 76 20.95 4.24 31.78
CA GLU A 76 21.72 3.41 30.86
C GLU A 76 20.93 3.10 29.59
N ASN A 77 21.39 3.61 28.46
CA ASN A 77 20.77 3.26 27.19
C ASN A 77 21.06 1.81 26.82
N PHE A 78 20.12 1.18 26.12
CA PHE A 78 20.30 -0.20 25.71
C PHE A 78 19.36 -0.54 24.57
N SER A 79 19.76 -1.57 23.82
CA SER A 79 18.99 -2.08 22.69
C SER A 79 18.96 -3.60 22.67
N THR A 80 18.03 -4.13 21.89
CA THR A 80 17.90 -5.57 21.71
C THR A 80 17.55 -5.85 20.25
N SER A 81 17.96 -7.00 19.75
CA SER A 81 17.56 -7.38 18.41
C SER A 81 17.30 -8.87 18.40
N PHE A 82 16.41 -9.30 17.52
CA PHE A 82 16.16 -10.72 17.31
C PHE A 82 15.37 -10.88 16.03
N TRP A 83 15.34 -12.10 15.51
CA TRP A 83 14.46 -12.44 14.41
C TRP A 83 13.33 -13.31 14.95
N ILE A 84 12.13 -13.12 14.41
CA ILE A 84 10.96 -13.86 14.87
C ILE A 84 10.08 -14.25 13.68
N ARG A 85 9.40 -15.39 13.82
CA ARG A 85 8.44 -15.82 12.79
C ARG A 85 7.17 -16.26 13.49
N ILE A 86 6.08 -15.54 13.21
CA ILE A 86 4.82 -15.67 13.94
C ILE A 86 3.78 -16.28 13.01
N PRO A 87 3.20 -17.42 13.39
CA PRO A 87 2.16 -18.04 12.55
C PRO A 87 0.98 -17.11 12.39
N LYS A 88 0.24 -17.27 11.30
CA LYS A 88 -1.00 -16.53 11.12
C LYS A 88 -1.91 -16.80 12.31
N TYR A 89 -2.67 -15.80 12.73
CA TYR A 89 -3.72 -15.98 13.73
C TYR A 89 -5.03 -16.39 13.04
N PHE A 90 -5.63 -17.47 13.52
CA PHE A 90 -6.82 -18.04 12.87
C PHE A 90 -8.05 -17.80 13.70
N ARG A 91 -7.82 -17.36 14.92
CA ARG A 91 -8.86 -17.09 15.86
C ARG A 91 -8.57 -15.75 16.51
N ASN A 92 -9.62 -15.03 16.84
CA ASN A 92 -9.47 -13.87 17.70
C ASN A 92 -8.91 -14.31 19.04
N ILE A 93 -8.25 -13.39 19.71
CA ILE A 93 -7.91 -13.60 21.11
C ILE A 93 -8.17 -12.32 21.90
N ASN A 94 -7.61 -11.20 21.43
CA ASN A 94 -7.38 -10.03 22.28
C ASN A 94 -6.84 -10.53 23.61
N ASN A 95 -5.79 -11.33 23.50
CA ASN A 95 -5.14 -11.95 24.63
C ASN A 95 -3.65 -11.70 24.47
N GLU A 96 -3.21 -10.56 24.99
CA GLU A 96 -1.79 -10.25 24.94
C GLU A 96 -1.01 -11.30 25.74
N TYR A 97 0.01 -11.89 25.14
CA TYR A 97 0.81 -12.86 25.87
C TYR A 97 2.29 -12.53 25.75
N LYS A 98 3.04 -12.75 26.83
CA LYS A 98 4.48 -12.46 26.83
C LYS A 98 5.23 -13.55 26.06
N ILE A 99 6.33 -13.18 25.40
CA ILE A 99 7.21 -14.18 24.82
C ILE A 99 8.64 -14.05 25.32
N ILE A 100 9.08 -12.83 25.64
CA ILE A 100 10.43 -12.62 26.20
C ILE A 100 10.33 -11.74 27.43
N SER A 101 10.75 -12.24 28.58
CA SER A 101 10.50 -11.56 29.85
C SER A 101 11.79 -11.33 30.64
N CYS A 102 12.04 -10.07 31.01
CA CYS A 102 13.12 -9.77 31.94
C CYS A 102 12.56 -8.83 33.02
N MET A 103 11.70 -9.40 33.86
CA MET A 103 10.87 -8.66 34.81
C MET A 103 11.07 -9.22 36.19
N GLN A 104 11.16 -8.34 37.18
CA GLN A 104 11.17 -8.73 38.58
C GLN A 104 10.41 -7.68 39.39
N ASN A 105 9.48 -8.14 40.23
CA ASN A 105 8.71 -7.22 41.07
C ASN A 105 8.14 -6.05 40.27
N ASN A 106 7.53 -6.35 39.12
CA ASN A 106 6.88 -5.36 38.28
C ASN A 106 7.79 -4.26 37.74
N SER A 107 9.05 -4.57 37.50
CA SER A 107 9.96 -3.66 36.82
C SER A 107 10.85 -4.44 35.87
N GLY A 108 11.23 -3.82 34.77
CA GLY A 108 12.10 -4.47 33.80
C GLY A 108 11.64 -4.23 32.38
N TRP A 109 11.95 -5.17 31.49
CA TRP A 109 11.53 -5.08 30.10
C TRP A 109 10.95 -6.41 29.65
N GLU A 110 10.10 -6.36 28.63
CA GLU A 110 9.49 -7.57 28.10
C GLU A 110 9.00 -7.37 26.67
N VAL A 111 8.91 -8.47 25.93
CA VAL A 111 8.28 -8.49 24.61
C VAL A 111 7.03 -9.32 24.71
N SER A 112 5.93 -8.82 24.16
CA SER A 112 4.69 -9.57 24.14
C SER A 112 4.08 -9.51 22.74
N LEU A 113 3.13 -10.39 22.49
CA LEU A 113 2.44 -10.47 21.21
C LEU A 113 0.93 -10.33 21.45
N ASN A 114 0.22 -9.90 20.42
CA ASN A 114 -1.23 -9.82 20.49
C ASN A 114 -1.80 -9.87 19.09
N PHE A 115 -3.10 -10.13 19.02
CA PHE A 115 -3.83 -10.17 17.76
C PHE A 115 -5.19 -9.53 18.00
N SER A 116 -5.49 -8.49 17.23
CA SER A 116 -6.72 -7.74 17.40
C SER A 116 -7.07 -6.97 16.12
N ASN A 117 -8.35 -6.95 15.76
CA ASN A 117 -8.82 -6.28 14.53
C ASN A 117 -7.97 -6.62 13.31
N MET A 118 -7.72 -7.92 13.12
CA MET A 118 -6.92 -8.48 12.03
C MET A 118 -5.46 -8.05 12.03
N ASN A 119 -4.99 -7.46 13.13
CA ASN A 119 -3.59 -7.03 13.24
C ASN A 119 -2.79 -7.89 14.19
N SER A 120 -1.69 -8.48 13.70
CA SER A 120 -0.70 -9.11 14.55
C SER A 120 0.21 -8.02 15.11
N LYS A 121 0.48 -8.08 16.41
CA LYS A 121 1.21 -7.03 17.10
C LYS A 121 2.48 -7.55 17.79
N ILE A 122 3.54 -6.77 17.72
CA ILE A 122 4.76 -7.05 18.46
C ILE A 122 4.95 -5.86 19.40
N ILE A 123 5.05 -6.14 20.69
CA ILE A 123 4.92 -5.12 21.73
C ILE A 123 6.11 -5.10 22.68
N TRP A 124 6.69 -3.93 22.86
CA TRP A 124 7.81 -3.71 23.76
C TRP A 124 7.33 -2.90 24.94
N THR A 125 7.58 -3.39 26.14
CA THR A 125 7.15 -2.70 27.36
C THR A 125 8.34 -2.49 28.30
N LEU A 126 8.51 -1.26 28.77
CA LEU A 126 9.41 -0.95 29.89
C LEU A 126 8.57 -0.63 31.11
N GLN A 127 9.05 -1.01 32.29
CA GLN A 127 8.32 -0.69 33.51
C GLN A 127 9.30 -0.30 34.61
N ASP A 128 9.10 0.86 35.23
CA ASP A 128 10.04 1.31 36.24
C ASP A 128 9.64 0.79 37.62
N THR A 129 10.42 1.14 38.63
CA THR A 129 10.22 0.54 39.95
C THR A 129 9.05 1.18 40.71
N GLU A 130 8.41 2.19 40.10
CA GLU A 130 7.15 2.72 40.62
C GLU A 130 5.95 2.11 39.88
N GLY A 131 6.23 1.14 39.01
CA GLY A 131 5.16 0.45 38.29
C GLY A 131 4.65 1.14 37.04
N ILE A 132 5.26 2.26 36.67
CA ILE A 132 4.82 3.00 35.48
C ILE A 132 5.33 2.29 34.22
N LYS A 133 4.46 2.12 33.22
CA LYS A 133 4.82 1.42 31.99
C LYS A 133 4.91 2.38 30.81
N LYS A 134 5.77 2.03 29.86
CA LYS A 134 5.78 2.64 28.53
C LYS A 134 5.87 1.53 27.50
N THR A 135 5.16 1.68 26.39
CA THR A 135 5.17 0.66 25.35
C THR A 135 5.34 1.27 23.98
N VAL A 136 5.98 0.50 23.10
CA VAL A 136 6.02 0.82 21.68
C VAL A 136 5.62 -0.46 20.92
N VAL A 137 4.85 -0.28 19.86
CA VAL A 137 4.21 -1.40 19.16
C VAL A 137 4.51 -1.36 17.67
N PHE A 138 4.73 -2.54 17.09
CA PHE A 138 4.69 -2.72 15.64
C PHE A 138 3.52 -3.62 15.33
N GLN A 139 2.72 -3.26 14.33
CA GLN A 139 1.64 -4.16 13.94
C GLN A 139 1.49 -4.26 12.42
N TYR A 140 0.94 -5.38 11.98
CA TYR A 140 0.69 -5.59 10.55
C TYR A 140 -0.59 -6.36 10.37
N THR A 141 -1.27 -6.09 9.25
CA THR A 141 -2.60 -6.62 8.98
C THR A 141 -2.60 -8.01 8.35
N GLN A 142 -3.65 -8.77 8.62
CA GLN A 142 -3.89 -10.03 7.95
C GLN A 142 -4.92 -9.84 6.82
N ASN A 143 -5.39 -8.61 6.68
CA ASN A 143 -6.29 -8.25 5.59
C ASN A 143 -5.48 -7.67 4.43
N ILE A 144 -4.93 -8.56 3.60
CA ILE A 144 -3.98 -8.14 2.58
C ILE A 144 -3.63 -9.33 1.66
N ASN A 145 -3.53 -9.09 0.36
CA ASN A 145 -3.32 -10.17 -0.61
C ASN A 145 -2.00 -10.90 -0.39
N ILE A 146 -0.91 -10.15 -0.35
CA ILE A 146 0.42 -10.73 -0.13
C ILE A 146 1.14 -9.90 0.93
N SER A 147 1.54 -10.54 2.02
CA SER A 147 2.14 -9.82 3.14
C SER A 147 3.65 -10.05 3.22
N ASP A 148 4.40 -8.99 3.53
CA ASP A 148 5.83 -9.11 3.75
C ASP A 148 6.09 -9.75 5.12
N TYR A 149 5.06 -9.83 5.95
CA TYR A 149 5.21 -10.17 7.37
C TYR A 149 4.52 -11.44 7.85
N ILE A 150 3.34 -11.76 7.33
CA ILE A 150 2.57 -12.88 7.91
C ILE A 150 3.30 -14.23 7.77
N ASN A 151 3.62 -14.84 8.92
CA ASN A 151 4.32 -16.12 8.97
C ASN A 151 5.71 -16.08 8.31
N ARG A 152 6.29 -14.89 8.16
CA ARG A 152 7.62 -14.75 7.57
C ARG A 152 8.61 -14.24 8.59
N TRP A 153 9.87 -14.64 8.48
CA TRP A 153 10.90 -14.10 9.37
C TRP A 153 10.92 -12.58 9.35
N ILE A 154 10.93 -11.99 10.55
CA ILE A 154 10.93 -10.54 10.72
C ILE A 154 12.13 -10.18 11.59
N PHE A 155 12.94 -9.21 11.17
CA PHE A 155 14.04 -8.73 12.02
C PHE A 155 13.55 -7.58 12.88
N VAL A 156 13.61 -7.74 14.20
CA VAL A 156 13.16 -6.72 15.15
C VAL A 156 14.36 -6.10 15.84
N THR A 157 14.40 -4.77 15.94
CA THR A 157 15.43 -4.09 16.72
C THR A 157 14.71 -3.03 17.54
N ILE A 158 14.95 -3.04 18.85
CA ILE A 158 14.35 -2.06 19.73
C ILE A 158 15.46 -1.31 20.47
N THR A 159 15.46 0.02 20.36
CA THR A 159 16.50 0.83 21.03
C THR A 159 15.85 1.70 22.09
N ASN A 160 16.58 1.97 23.17
CA ASN A 160 16.08 2.76 24.27
C ASN A 160 17.05 3.84 24.70
N ASN A 161 16.63 5.09 24.58
CA ASN A 161 17.38 6.22 25.10
C ASN A 161 16.64 6.75 26.33
N ARG A 162 17.23 6.54 27.51
CA ARG A 162 16.55 6.85 28.77
C ARG A 162 16.23 8.33 28.90
N LEU A 163 16.86 9.16 28.08
CA LEU A 163 16.62 10.60 28.09
C LEU A 163 15.62 11.04 27.01
N SER A 164 15.20 10.12 26.14
CA SER A 164 14.24 10.48 25.09
C SER A 164 13.29 9.34 24.74
N ASN A 165 13.59 8.61 23.67
CA ASN A 165 12.62 7.65 23.11
C ASN A 165 13.03 6.19 23.12
N SER A 166 12.02 5.33 23.10
CA SER A 166 12.18 3.94 22.71
C SER A 166 11.70 3.83 21.26
N LYS A 167 12.44 3.07 20.44
CA LYS A 167 12.12 2.97 19.00
C LYS A 167 12.12 1.53 18.55
N ILE A 168 11.16 1.17 17.70
CA ILE A 168 11.15 -0.17 17.16
C ILE A 168 11.41 -0.09 15.66
N TYR A 169 12.40 -0.87 15.24
CA TYR A 169 12.81 -1.02 13.85
C TYR A 169 12.39 -2.38 13.34
N ILE A 170 11.94 -2.44 12.10
CA ILE A 170 11.55 -3.71 11.51
C ILE A 170 12.33 -3.86 10.21
N ASN A 171 13.08 -4.96 10.07
CA ASN A 171 13.89 -5.20 8.86
C ASN A 171 14.78 -3.99 8.53
N GLY A 172 15.37 -3.44 9.58
CA GLY A 172 16.31 -2.32 9.49
C GLY A 172 15.69 -0.95 9.33
N ARG A 173 14.37 -0.85 9.35
CA ARG A 173 13.69 0.43 9.10
C ARG A 173 12.95 0.91 10.35
N LEU A 174 13.14 2.18 10.71
CA LEU A 174 12.41 2.74 11.85
C LEU A 174 10.90 2.72 11.56
N ILE A 175 10.12 2.16 12.48
CA ILE A 175 8.67 2.14 12.29
C ILE A 175 7.93 3.04 13.30
N ASN A 176 8.20 2.87 14.59
CA ASN A 176 7.51 3.64 15.61
CA ASN A 176 7.50 3.63 15.62
C ASN A 176 8.43 4.07 16.74
N GLU A 177 8.07 5.17 17.40
CA GLU A 177 8.81 5.66 18.56
C GLU A 177 7.84 6.08 19.65
N GLU A 178 8.31 6.01 20.89
CA GLU A 178 7.53 6.46 22.04
C GLU A 178 8.47 7.12 23.02
N SER A 179 8.06 8.24 23.60
CA SER A 179 8.84 8.86 24.66
C SER A 179 8.90 7.96 25.90
N ILE A 180 10.09 7.80 26.46
CA ILE A 180 10.23 7.05 27.71
C ILE A 180 10.93 7.88 28.78
N SER A 181 11.15 9.15 28.50
CA SER A 181 11.89 10.01 29.41
C SER A 181 11.21 10.16 30.77
N ASP A 182 9.91 9.85 30.85
CA ASP A 182 9.18 9.93 32.11
C ASP A 182 9.32 8.69 33.00
N LEU A 183 10.14 7.72 32.60
CA LEU A 183 10.38 6.55 33.43
C LEU A 183 11.56 6.77 34.37
N GLY A 184 11.45 6.26 35.59
CA GLY A 184 12.54 6.35 36.54
C GLY A 184 13.42 5.12 36.50
N ASN A 185 13.83 4.64 37.66
CA ASN A 185 14.70 3.48 37.72
C ASN A 185 14.00 2.25 37.14
N ILE A 186 14.70 1.53 36.28
CA ILE A 186 14.22 0.26 35.78
C ILE A 186 15.11 -0.84 36.31
N HIS A 187 14.55 -1.69 37.17
CA HIS A 187 15.31 -2.76 37.77
C HIS A 187 14.82 -4.09 37.20
N ALA A 188 15.53 -4.59 36.20
CA ALA A 188 15.13 -5.80 35.49
C ALA A 188 15.59 -7.07 36.20
N SER A 189 15.20 -8.22 35.64
CA SER A 189 15.47 -9.51 36.24
C SER A 189 16.93 -9.93 36.08
N ASN A 190 17.38 -10.82 36.97
CA ASN A 190 18.67 -11.50 36.82
C ASN A 190 18.67 -12.49 35.65
N ASN A 191 17.48 -12.90 35.24
CA ASN A 191 17.30 -13.88 34.16
C ASN A 191 16.45 -13.33 33.04
N ILE A 192 16.64 -13.88 31.84
CA ILE A 192 15.71 -13.60 30.74
C ILE A 192 14.96 -14.89 30.45
N MET A 193 13.63 -14.83 30.45
CA MET A 193 12.82 -16.01 30.17
C MET A 193 12.20 -15.92 28.78
N PHE A 194 12.60 -16.84 27.90
CA PHE A 194 11.99 -16.99 26.59
C PHE A 194 10.95 -18.07 26.69
N LYS A 195 9.68 -17.68 26.63
CA LYS A 195 8.57 -18.58 26.92
C LYS A 195 7.23 -17.91 26.59
N LEU A 196 6.31 -18.65 25.98
CA LEU A 196 4.95 -18.16 25.84
C LEU A 196 4.28 -18.14 27.23
N ASP A 197 3.94 -16.95 27.68
CA ASP A 197 3.43 -16.74 29.03
C ASP A 197 2.08 -16.02 28.96
N GLY A 198 1.02 -16.71 29.36
CA GLY A 198 -0.31 -16.14 29.34
C GLY A 198 -1.06 -16.34 28.04
N CYS A 199 -0.51 -17.18 27.16
CA CYS A 199 -1.17 -17.49 25.90
C CYS A 199 -2.25 -18.54 26.10
N ARG A 200 -3.48 -18.22 25.69
CA ARG A 200 -4.62 -19.07 25.98
C ARG A 200 -4.94 -20.02 24.85
N ASP A 201 -4.20 -19.93 23.74
CA ASP A 201 -4.36 -20.86 22.64
C ASP A 201 -3.28 -21.94 22.72
N PRO A 202 -3.66 -23.17 23.08
CA PRO A 202 -2.74 -24.29 23.33
C PRO A 202 -1.80 -24.59 22.16
N HIS A 203 -2.18 -24.18 20.96
CA HIS A 203 -1.43 -24.58 19.78
C HIS A 203 -0.56 -23.49 19.18
N ARG A 204 -0.53 -22.31 19.81
CA ARG A 204 0.34 -21.22 19.34
C ARG A 204 1.81 -21.54 19.58
N TYR A 205 2.66 -20.99 18.73
CA TYR A 205 4.09 -21.12 18.88
C TYR A 205 4.76 -19.95 18.18
N ILE A 206 6.05 -19.77 18.39
CA ILE A 206 6.84 -18.83 17.59
C ILE A 206 8.15 -19.48 17.23
N TRP A 207 8.76 -19.01 16.16
CA TRP A 207 10.17 -19.29 15.87
C TRP A 207 10.96 -18.03 16.20
N ILE A 208 12.17 -18.21 16.72
CA ILE A 208 13.02 -17.10 17.11
C ILE A 208 14.49 -17.46 16.86
N LYS A 209 15.34 -16.47 16.60
CA LYS A 209 16.77 -16.71 16.53
C LYS A 209 17.56 -15.44 16.71
N TYR A 210 18.85 -15.62 16.96
CA TYR A 210 19.81 -14.51 17.02
C TYR A 210 19.49 -13.44 18.07
N PHE A 211 19.02 -13.83 19.24
CA PHE A 211 18.71 -12.81 20.24
C PHE A 211 19.98 -12.10 20.73
N ASN A 212 19.95 -10.78 20.70
CA ASN A 212 21.07 -9.93 21.10
C ASN A 212 20.64 -8.84 22.05
N LEU A 213 21.54 -8.48 22.96
CA LEU A 213 21.39 -7.28 23.80
C LEU A 213 22.62 -6.39 23.60
N PHE A 214 22.40 -5.07 23.58
CA PHE A 214 23.49 -4.12 23.38
C PHE A 214 23.46 -3.04 24.45
N ASP A 215 24.63 -2.70 24.98
CA ASP A 215 24.74 -1.67 26.02
C ASP A 215 24.85 -0.27 25.42
N LYS A 216 23.99 0.04 24.45
CA LYS A 216 23.91 1.38 23.86
C LYS A 216 22.59 1.52 23.12
N GLU A 217 22.23 2.75 22.79
CA GLU A 217 21.21 3.03 21.80
C GLU A 217 21.83 2.87 20.40
N LEU A 218 21.47 1.81 19.68
CA LEU A 218 21.94 1.65 18.30
C LEU A 218 21.38 2.75 17.42
N ASN A 219 22.19 3.21 16.47
CA ASN A 219 21.73 4.22 15.54
C ASN A 219 21.28 3.58 14.21
N LYS A 220 20.78 4.43 13.32
CA LYS A 220 20.18 4.02 12.05
C LYS A 220 21.09 3.11 11.23
N LYS A 221 22.34 3.53 11.05
CA LYS A 221 23.30 2.78 10.25
C LYS A 221 23.66 1.45 10.89
N GLU A 222 23.88 1.46 12.20
CA GLU A 222 24.21 0.24 12.93
C GLU A 222 23.15 -0.82 12.74
N ILE A 223 21.89 -0.39 12.85
CA ILE A 223 20.79 -1.34 12.71
C ILE A 223 20.65 -1.89 11.29
N LYS A 224 20.82 -1.05 10.27
CA LYS A 224 20.77 -1.54 8.90
C LYS A 224 21.91 -2.54 8.64
N ASP A 225 23.11 -2.22 9.14
CA ASP A 225 24.25 -3.12 9.00
C ASP A 225 24.01 -4.46 9.72
N LEU A 226 23.48 -4.38 10.93
CA LEU A 226 23.16 -5.59 11.69
C LEU A 226 22.18 -6.48 10.94
N TYR A 227 21.11 -5.85 10.45
CA TYR A 227 20.10 -6.50 9.60
C TYR A 227 20.74 -7.20 8.40
N ASP A 228 21.58 -6.46 7.68
CA ASP A 228 22.27 -7.00 6.51
C ASP A 228 23.20 -8.16 6.87
N ASN A 229 23.99 -7.97 7.93
CA ASN A 229 24.93 -9.01 8.33
C ASN A 229 24.29 -10.29 8.85
N GLN A 230 23.08 -10.18 9.41
CA GLN A 230 22.40 -11.34 9.95
C GLN A 230 21.43 -11.96 8.94
N SER A 231 21.32 -11.36 7.77
CA SER A 231 20.40 -11.81 6.74
C SER A 231 20.89 -13.07 6.01
N ASN A 232 22.17 -13.42 6.18
CA ASN A 232 22.76 -14.56 5.47
C ASN A 232 22.56 -14.39 3.96
N SER A 233 23.08 -13.29 3.42
CA SER A 233 22.67 -12.87 2.07
C SER A 233 23.27 -13.71 0.94
N GLY A 234 24.15 -14.65 1.25
CA GLY A 234 24.70 -15.53 0.23
C GLY A 234 23.80 -16.74 -0.01
N ILE A 235 22.78 -16.89 0.83
CA ILE A 235 21.85 -18.02 0.76
C ILE A 235 20.49 -17.53 0.26
N LEU A 236 19.92 -18.23 -0.72
CA LEU A 236 18.59 -17.91 -1.19
C LEU A 236 17.55 -18.27 -0.13
N LYS A 237 16.45 -17.52 -0.12
CA LYS A 237 15.39 -17.77 0.84
C LYS A 237 14.12 -18.22 0.14
N ASP A 238 13.30 -19.01 0.84
CA ASP A 238 11.96 -19.30 0.37
C ASP A 238 11.03 -18.16 0.83
N PHE A 239 9.74 -18.30 0.55
CA PHE A 239 8.76 -17.25 0.85
C PHE A 239 8.73 -16.88 2.34
N TRP A 240 8.92 -17.89 3.18
CA TRP A 240 8.82 -17.71 4.62
C TRP A 240 10.10 -17.12 5.20
N GLY A 241 11.14 -17.00 4.38
CA GLY A 241 12.41 -16.46 4.83
C GLY A 241 13.39 -17.52 5.32
N ASP A 242 12.97 -18.79 5.24
CA ASP A 242 13.86 -19.93 5.53
C ASP A 242 14.83 -20.11 4.37
N TYR A 243 15.91 -20.85 4.61
CA TYR A 243 16.83 -21.18 3.53
C TYR A 243 16.09 -21.93 2.43
N LEU A 244 16.28 -21.50 1.18
CA LEU A 244 15.83 -22.29 0.03
C LEU A 244 16.60 -23.61 0.00
N GLN A 245 15.92 -24.69 -0.36
CA GLN A 245 16.49 -26.02 -0.24
C GLN A 245 16.30 -26.84 -1.50
N TYR A 246 17.18 -27.81 -1.68
CA TYR A 246 17.03 -28.81 -2.73
C TYR A 246 16.01 -29.86 -2.30
N ASP A 247 15.39 -30.51 -3.28
CA ASP A 247 14.51 -31.66 -3.06
C ASP A 247 13.28 -31.33 -2.22
N LYS A 248 12.80 -30.10 -2.35
CA LYS A 248 11.67 -29.62 -1.58
C LYS A 248 10.62 -28.99 -2.50
N PRO A 249 9.40 -29.53 -2.54
CA PRO A 249 8.40 -28.97 -3.46
C PRO A 249 7.97 -27.55 -3.09
N TYR A 250 7.94 -26.67 -4.09
CA TYR A 250 7.55 -25.27 -3.88
C TYR A 250 6.46 -24.82 -4.84
N TYR A 251 5.43 -24.17 -4.30
CA TYR A 251 4.51 -23.42 -5.15
C TYR A 251 5.19 -22.13 -5.58
N MET A 252 4.86 -21.67 -6.79
CA MET A 252 5.59 -20.53 -7.35
C MET A 252 4.73 -19.26 -7.33
N LEU A 253 5.29 -18.22 -6.75
CA LEU A 253 4.66 -16.90 -6.80
C LEU A 253 5.42 -16.00 -7.77
N ASN A 254 4.74 -15.51 -8.79
CA ASN A 254 5.36 -14.58 -9.71
C ASN A 254 4.93 -13.17 -9.34
N LEU A 255 5.89 -12.34 -8.98
CA LEU A 255 5.60 -11.05 -8.37
C LEU A 255 5.03 -10.06 -9.35
N TYR A 256 5.23 -10.31 -10.64
CA TYR A 256 4.69 -9.43 -11.66
C TYR A 256 3.17 -9.42 -11.60
N ASP A 257 2.56 -10.59 -11.61
CA ASP A 257 1.11 -10.67 -11.41
C ASP A 257 0.80 -11.70 -10.34
N PRO A 258 0.68 -11.23 -9.09
CA PRO A 258 0.44 -12.13 -7.96
C PRO A 258 -0.97 -12.72 -8.00
N ASN A 259 -1.84 -12.21 -8.85
CA ASN A 259 -3.20 -12.74 -8.96
C ASN A 259 -3.31 -13.85 -9.99
N LYS A 260 -2.17 -14.32 -10.48
CA LYS A 260 -2.19 -15.46 -11.37
C LYS A 260 -1.22 -16.51 -10.86
N TYR A 261 -1.25 -17.70 -11.46
CA TYR A 261 -0.35 -18.76 -11.06
C TYR A 261 0.11 -19.57 -12.27
N LEU A 262 1.11 -20.40 -12.03
CA LEU A 262 1.75 -21.17 -13.08
C LEU A 262 1.03 -22.48 -13.33
N ASP A 263 0.75 -22.78 -14.59
CA ASP A 263 0.14 -24.06 -14.96
C ASP A 263 0.84 -24.64 -16.19
N VAL A 264 0.72 -25.96 -16.36
CA VAL A 264 1.27 -26.65 -17.51
C VAL A 264 0.13 -26.98 -18.48
N ASN A 265 0.24 -26.51 -19.73
CA ASN A 265 -0.79 -26.83 -20.71
C ASN A 265 -0.72 -28.32 -21.04
N ASN A 266 0.48 -28.78 -21.41
CA ASN A 266 0.74 -30.19 -21.63
C ASN A 266 2.23 -30.45 -21.48
N VAL A 267 2.61 -31.66 -21.09
CA VAL A 267 4.02 -31.99 -20.95
C VAL A 267 4.62 -32.33 -22.31
N GLY A 268 5.94 -32.40 -22.38
CA GLY A 268 6.64 -32.70 -23.62
C GLY A 268 7.26 -31.46 -24.23
N ILE A 269 8.23 -31.67 -25.12
CA ILE A 269 8.96 -30.57 -25.74
C ILE A 269 8.06 -29.72 -26.67
N ARG A 270 6.87 -30.22 -26.99
CA ARG A 270 5.95 -29.45 -27.81
C ARG A 270 4.89 -28.72 -26.97
N GLY A 271 5.01 -28.81 -25.64
CA GLY A 271 4.07 -28.17 -24.74
C GLY A 271 4.62 -26.90 -24.13
N TYR A 272 3.84 -26.25 -23.27
CA TYR A 272 4.29 -25.05 -22.61
C TYR A 272 3.67 -24.87 -21.25
N MET A 273 4.27 -23.99 -20.45
CA MET A 273 3.68 -23.53 -19.21
C MET A 273 3.20 -22.09 -19.37
N TYR A 274 2.25 -21.67 -18.55
CA TYR A 274 1.68 -20.35 -18.74
C TYR A 274 1.06 -19.80 -17.46
N LEU A 275 0.71 -18.52 -17.52
CA LEU A 275 0.12 -17.82 -16.39
C LEU A 275 -1.40 -17.92 -16.46
N LYS A 276 -1.98 -18.51 -15.42
CA LYS A 276 -3.40 -18.84 -15.36
C LYS A 276 -4.01 -18.10 -14.18
N GLY A 277 -5.27 -17.70 -14.30
CA GLY A 277 -5.94 -17.01 -13.21
C GLY A 277 -7.42 -17.32 -13.22
N PRO A 278 -8.13 -16.90 -12.16
CA PRO A 278 -7.55 -16.15 -11.04
C PRO A 278 -6.96 -17.04 -9.95
N ARG A 279 -5.94 -16.53 -9.29
CA ARG A 279 -5.34 -17.21 -8.15
C ARG A 279 -6.37 -17.45 -7.04
N GLY A 280 -7.22 -16.46 -6.79
CA GLY A 280 -8.24 -16.61 -5.77
C GLY A 280 -7.72 -16.21 -4.41
N ARG A 281 -8.62 -16.24 -3.43
CA ARG A 281 -8.25 -15.82 -2.09
C ARG A 281 -8.79 -16.80 -1.05
N ILE A 282 -8.13 -16.82 0.09
CA ILE A 282 -8.59 -17.57 1.25
C ILE A 282 -9.04 -16.58 2.32
N VAL A 283 -10.14 -16.90 3.00
CA VAL A 283 -10.78 -15.96 3.91
C VAL A 283 -11.29 -16.66 5.15
N THR A 284 -11.05 -16.05 6.30
CA THR A 284 -11.92 -16.29 7.44
C THR A 284 -12.41 -14.93 7.84
N THR A 285 -13.72 -14.73 7.81
CA THR A 285 -14.26 -13.37 7.91
C THR A 285 -13.77 -12.66 9.18
N ASN A 286 -13.23 -11.46 8.97
CA ASN A 286 -12.73 -10.58 10.03
C ASN A 286 -11.54 -11.16 10.81
N ILE A 287 -10.88 -12.14 10.21
CA ILE A 287 -9.67 -12.71 10.78
C ILE A 287 -8.50 -12.59 9.78
N TYR A 288 -8.66 -13.14 8.58
CA TYR A 288 -7.67 -12.93 7.52
C TYR A 288 -8.32 -12.96 6.13
N LEU A 289 -7.64 -12.36 5.18
CA LEU A 289 -8.11 -12.34 3.81
C LEU A 289 -6.88 -12.17 2.95
N ASN A 290 -6.43 -13.29 2.37
CA ASN A 290 -5.15 -13.38 1.69
C ASN A 290 -5.29 -14.04 0.33
N SER A 291 -4.32 -13.79 -0.54
CA SER A 291 -4.24 -14.59 -1.75
C SER A 291 -3.91 -16.03 -1.39
N THR A 292 -4.57 -16.96 -2.09
CA THR A 292 -4.28 -18.36 -1.96
C THR A 292 -2.87 -18.67 -2.44
N LEU A 293 -2.07 -19.34 -1.61
CA LEU A 293 -0.67 -19.60 -1.97
C LEU A 293 -0.41 -20.99 -2.57
N TYR A 294 -1.20 -22.00 -2.19
CA TYR A 294 -0.90 -23.36 -2.63
C TYR A 294 -1.60 -23.61 -3.96
N MET A 295 -1.15 -22.88 -4.99
CA MET A 295 -1.76 -22.93 -6.30
C MET A 295 -0.76 -23.23 -7.38
N GLY A 296 -1.22 -23.95 -8.40
CA GLY A 296 -0.41 -24.13 -9.58
C GLY A 296 0.68 -25.17 -9.50
N THR A 297 1.48 -25.19 -10.55
CA THR A 297 2.56 -26.15 -10.71
C THR A 297 3.66 -26.01 -9.65
N LYS A 298 4.09 -27.12 -9.09
CA LYS A 298 5.20 -27.09 -8.13
C LYS A 298 6.54 -27.32 -8.80
N PHE A 299 7.55 -26.59 -8.32
CA PHE A 299 8.94 -26.76 -8.74
C PHE A 299 9.70 -27.48 -7.63
N ILE A 300 10.61 -28.37 -8.02
CA ILE A 300 11.54 -28.98 -7.09
C ILE A 300 12.95 -28.70 -7.59
N ILE A 301 13.81 -28.18 -6.72
CA ILE A 301 15.15 -27.82 -7.16
C ILE A 301 16.09 -29.01 -6.98
N LYS A 302 16.83 -29.34 -8.04
CA LYS A 302 17.70 -30.51 -8.04
C LYS A 302 19.17 -30.13 -8.12
N LYS A 303 20.01 -30.84 -7.37
CA LYS A 303 21.44 -30.58 -7.38
C LYS A 303 22.06 -30.91 -8.72
N TYR A 304 22.91 -30.01 -9.20
CA TYR A 304 23.72 -30.28 -10.37
C TYR A 304 25.16 -29.95 -10.05
N ALA A 305 25.46 -28.66 -10.00
CA ALA A 305 26.81 -28.19 -9.64
C ALA A 305 26.77 -27.18 -8.51
N SER A 306 26.40 -27.64 -7.32
CA SER A 306 26.63 -26.88 -6.11
C SER A 306 27.88 -27.45 -5.47
N GLY A 307 28.81 -26.58 -5.09
CA GLY A 307 30.03 -27.03 -4.47
C GLY A 307 29.76 -27.74 -3.16
N ASN A 308 28.66 -27.38 -2.51
CA ASN A 308 28.43 -27.79 -1.13
C ASN A 308 27.78 -29.17 -0.96
N LYS A 309 27.96 -29.71 0.24
CA LYS A 309 27.46 -31.02 0.61
C LYS A 309 25.98 -31.00 0.99
N ASP A 310 25.55 -29.91 1.64
CA ASP A 310 24.23 -29.87 2.24
C ASP A 310 23.14 -29.50 1.23
N ASN A 311 21.93 -29.32 1.74
CA ASN A 311 20.75 -29.14 0.91
C ASN A 311 20.31 -27.69 0.74
N ILE A 312 21.21 -26.76 1.03
CA ILE A 312 20.88 -25.34 0.97
C ILE A 312 21.27 -24.75 -0.39
N VAL A 313 20.39 -23.94 -0.97
CA VAL A 313 20.63 -23.32 -2.28
C VAL A 313 21.27 -21.94 -2.11
N ARG A 314 22.46 -21.76 -2.68
CA ARG A 314 23.21 -20.52 -2.49
C ARG A 314 23.33 -19.72 -3.78
N ASN A 315 23.64 -18.44 -3.67
CA ASN A 315 23.87 -17.59 -4.85
C ASN A 315 24.76 -18.26 -5.87
N ASN A 316 24.29 -18.28 -7.11
CA ASN A 316 25.04 -18.75 -8.29
C ASN A 316 25.17 -20.27 -8.34
N ASP A 317 24.46 -20.96 -7.46
CA ASP A 317 24.33 -22.41 -7.57
C ASP A 317 23.73 -22.77 -8.93
N ARG A 318 24.32 -23.77 -9.57
CA ARG A 318 23.78 -24.31 -10.81
C ARG A 318 22.93 -25.53 -10.49
N VAL A 319 21.70 -25.52 -10.99
CA VAL A 319 20.71 -26.52 -10.59
C VAL A 319 19.90 -26.99 -11.78
N TYR A 320 19.16 -28.07 -11.57
CA TYR A 320 18.06 -28.42 -12.46
C TYR A 320 16.76 -28.11 -11.76
N ILE A 321 15.73 -27.80 -12.53
CA ILE A 321 14.40 -27.61 -11.97
C ILE A 321 13.48 -28.73 -12.42
N ASN A 322 12.95 -29.48 -11.46
CA ASN A 322 11.90 -30.45 -11.77
C ASN A 322 10.54 -29.78 -11.61
N VAL A 323 9.62 -30.17 -12.49
CA VAL A 323 8.28 -29.60 -12.54
C VAL A 323 7.28 -30.71 -12.24
N VAL A 324 6.40 -30.49 -11.26
CA VAL A 324 5.45 -31.54 -10.90
C VAL A 324 4.12 -31.37 -11.63
N VAL A 325 3.75 -32.39 -12.38
CA VAL A 325 2.52 -32.40 -13.17
C VAL A 325 1.77 -33.69 -12.89
N LYS A 326 0.56 -33.57 -12.35
CA LYS A 326 -0.25 -34.74 -12.00
C LYS A 326 0.55 -35.73 -11.15
N ASN A 327 1.23 -35.19 -10.14
CA ASN A 327 2.04 -35.97 -9.20
C ASN A 327 3.19 -36.74 -9.85
N LYS A 328 3.62 -36.32 -11.03
CA LYS A 328 4.82 -36.88 -11.64
C LYS A 328 5.84 -35.77 -11.90
N GLU A 329 7.13 -36.09 -11.81
CA GLU A 329 8.18 -35.09 -11.99
C GLU A 329 8.74 -35.08 -13.42
N TYR A 330 8.87 -33.87 -13.96
CA TYR A 330 9.41 -33.63 -15.29
C TYR A 330 10.53 -32.62 -15.16
N ARG A 331 11.25 -32.37 -16.26
CA ARG A 331 12.38 -31.45 -16.23
C ARG A 331 12.09 -30.19 -17.02
N LEU A 332 12.34 -29.04 -16.40
CA LEU A 332 12.20 -27.76 -17.06
C LEU A 332 13.33 -27.60 -18.07
N ALA A 333 12.98 -27.40 -19.34
CA ALA A 333 14.00 -27.32 -20.38
C ALA A 333 13.50 -26.60 -21.62
N THR A 334 14.42 -26.26 -22.51
CA THR A 334 14.03 -25.66 -23.78
C THR A 334 15.07 -25.95 -24.85
N ASN A 335 14.63 -25.86 -26.09
CA ASN A 335 15.55 -25.85 -27.21
C ASN A 335 15.84 -24.41 -27.56
N ALA A 336 17.05 -23.94 -27.24
CA ALA A 336 17.38 -22.53 -27.44
C ALA A 336 17.47 -22.18 -28.91
N SER A 337 17.60 -23.20 -29.76
CA SER A 337 17.69 -23.01 -31.20
C SER A 337 16.36 -22.58 -31.83
N GLN A 338 15.28 -22.67 -31.07
CA GLN A 338 13.95 -22.29 -31.56
C GLN A 338 13.96 -20.82 -31.98
N ALA A 339 13.16 -20.48 -32.99
CA ALA A 339 13.09 -19.12 -33.50
C ALA A 339 12.60 -18.15 -32.43
N GLY A 340 13.11 -16.92 -32.47
CA GLY A 340 12.67 -15.90 -31.53
C GLY A 340 13.59 -15.76 -30.33
N VAL A 341 13.56 -14.58 -29.73
CA VAL A 341 14.41 -14.28 -28.58
C VAL A 341 13.82 -14.84 -27.28
N GLU A 342 12.51 -15.02 -27.24
CA GLU A 342 11.87 -15.66 -26.09
C GLU A 342 11.81 -17.18 -26.29
N LYS A 343 12.60 -17.90 -25.51
CA LYS A 343 12.62 -19.35 -25.61
C LYS A 343 11.53 -19.96 -24.72
N ILE A 344 10.51 -20.52 -25.37
CA ILE A 344 9.40 -21.14 -24.63
C ILE A 344 9.89 -22.36 -23.84
N LEU A 345 9.54 -22.42 -22.56
CA LEU A 345 9.99 -23.53 -21.73
C LEU A 345 8.99 -24.68 -21.71
N SER A 346 9.50 -25.90 -21.58
CA SER A 346 8.67 -27.08 -21.56
C SER A 346 8.99 -27.91 -20.34
N ALA A 347 8.04 -28.76 -19.96
CA ALA A 347 8.26 -29.79 -18.94
C ALA A 347 8.45 -31.13 -19.64
N VAL A 348 9.69 -31.60 -19.72
CA VAL A 348 9.96 -32.79 -20.50
C VAL A 348 10.32 -33.98 -19.61
N GLU A 349 10.10 -35.17 -20.15
CA GLU A 349 10.41 -36.39 -19.41
C GLU A 349 11.90 -36.40 -19.11
N ILE A 350 12.22 -36.63 -17.85
CA ILE A 350 13.61 -36.55 -17.40
C ILE A 350 14.59 -37.46 -18.18
N PRO A 351 14.22 -38.73 -18.44
CA PRO A 351 15.13 -39.56 -19.26
C PRO A 351 15.35 -39.02 -20.68
N ASP A 352 14.45 -38.14 -21.15
CA ASP A 352 14.47 -37.70 -22.55
C ASP A 352 14.91 -36.26 -22.76
N VAL A 353 15.54 -35.65 -21.76
CA VAL A 353 15.90 -34.23 -21.87
C VAL A 353 17.06 -34.07 -22.87
N GLY A 354 17.86 -35.11 -23.03
CA GLY A 354 18.93 -35.11 -24.01
C GLY A 354 19.88 -33.93 -23.92
N ASN A 355 19.98 -33.20 -25.02
CA ASN A 355 20.91 -32.07 -25.13
C ASN A 355 20.20 -30.72 -24.95
N LEU A 356 18.95 -30.76 -24.48
CA LEU A 356 18.21 -29.53 -24.22
C LEU A 356 18.85 -28.69 -23.11
N SER A 357 18.67 -27.38 -23.18
CA SER A 357 19.15 -26.47 -22.14
C SER A 357 18.28 -26.59 -20.88
N GLN A 358 18.91 -26.85 -19.74
CA GLN A 358 18.19 -27.14 -18.52
C GLN A 358 18.93 -26.65 -17.26
N VAL A 359 20.16 -26.21 -17.41
CA VAL A 359 20.94 -25.77 -16.27
C VAL A 359 20.49 -24.36 -15.87
N VAL A 360 20.06 -24.20 -14.62
CA VAL A 360 19.58 -22.91 -14.14
C VAL A 360 20.50 -22.35 -13.06
N VAL A 361 20.90 -21.09 -13.22
CA VAL A 361 21.69 -20.43 -12.21
C VAL A 361 20.75 -19.71 -11.27
N MET A 362 20.79 -20.09 -9.99
CA MET A 362 19.90 -19.49 -8.99
C MET A 362 20.48 -18.19 -8.46
N LYS A 363 19.64 -17.15 -8.38
CA LYS A 363 20.09 -15.84 -7.92
C LYS A 363 19.15 -15.20 -6.92
N SER A 364 19.75 -14.51 -5.95
CA SER A 364 18.99 -13.62 -5.08
C SER A 364 18.70 -12.29 -5.77
N GLU A 365 17.58 -11.66 -5.41
CA GLU A 365 17.29 -10.31 -5.83
C GLU A 365 17.02 -9.47 -4.59
N ASN A 366 17.99 -8.64 -4.22
CA ASN A 366 17.85 -7.84 -3.01
C ASN A 366 17.66 -6.37 -3.34
N ASP A 367 16.42 -5.91 -3.16
CA ASP A 367 16.10 -4.50 -3.29
C ASP A 367 15.28 -4.09 -2.08
N GLN A 368 14.52 -3.00 -2.21
CA GLN A 368 13.85 -2.43 -1.05
C GLN A 368 12.35 -2.75 -1.04
N GLY A 369 11.94 -3.72 -1.85
CA GLY A 369 10.56 -4.16 -1.89
C GLY A 369 10.35 -5.40 -1.03
N ILE A 370 9.37 -6.22 -1.40
CA ILE A 370 9.07 -7.43 -0.63
C ILE A 370 10.31 -8.33 -0.56
N ARG A 371 10.53 -8.97 0.58
CA ARG A 371 11.72 -9.79 0.75
C ARG A 371 11.57 -11.19 0.16
N ASN A 372 12.71 -11.87 0.06
CA ASN A 372 12.81 -13.27 -0.33
C ASN A 372 12.53 -13.49 -1.81
N LYS A 373 12.95 -12.53 -2.63
CA LYS A 373 12.83 -12.65 -4.08
C LYS A 373 13.96 -13.50 -4.69
N CYS A 374 13.64 -14.28 -5.71
CA CYS A 374 14.63 -15.09 -6.44
C CYS A 374 14.55 -14.86 -7.95
N LYS A 375 15.69 -15.05 -8.62
CA LYS A 375 15.73 -15.09 -10.08
C LYS A 375 16.32 -16.43 -10.55
N MET A 376 16.00 -16.82 -11.78
CA MET A 376 16.56 -18.02 -12.35
C MET A 376 17.10 -17.73 -13.75
N ASN A 377 18.38 -17.95 -13.97
CA ASN A 377 18.95 -17.70 -15.29
C ASN A 377 19.32 -19.02 -15.96
N LEU A 378 18.62 -19.33 -17.04
CA LEU A 378 18.86 -20.56 -17.77
C LEU A 378 20.10 -20.43 -18.65
N GLN A 379 20.91 -21.49 -18.67
CA GLN A 379 22.12 -21.53 -19.50
C GLN A 379 22.15 -22.80 -20.32
N ASP A 380 22.88 -22.79 -21.43
CA ASP A 380 23.03 -24.04 -22.19
C ASP A 380 24.14 -24.86 -21.56
N ASN A 381 24.47 -26.00 -22.18
CA ASN A 381 25.47 -26.91 -21.62
C ASN A 381 26.92 -26.44 -21.84
N ASN A 382 27.10 -25.29 -22.50
CA ASN A 382 28.42 -24.65 -22.56
C ASN A 382 28.51 -23.43 -21.65
N GLY A 383 27.50 -23.22 -20.83
CA GLY A 383 27.52 -22.11 -19.89
C GLY A 383 27.05 -20.79 -20.45
N ASN A 384 26.59 -20.78 -21.70
CA ASN A 384 26.10 -19.56 -22.33
C ASN A 384 24.71 -19.20 -21.84
N ASP A 385 24.47 -17.91 -21.57
CA ASP A 385 23.18 -17.49 -21.06
C ASP A 385 22.08 -17.66 -22.12
N ILE A 386 21.00 -18.31 -21.73
CA ILE A 386 19.80 -18.39 -22.55
C ILE A 386 18.83 -17.31 -22.06
N GLY A 387 18.76 -17.11 -20.76
CA GLY A 387 18.06 -15.97 -20.21
C GLY A 387 17.32 -16.20 -18.90
N PHE A 388 16.90 -15.12 -18.27
CA PHE A 388 16.15 -15.24 -17.04
C PHE A 388 14.78 -15.80 -17.33
N ILE A 389 14.27 -16.59 -16.40
CA ILE A 389 12.98 -17.24 -16.56
C ILE A 389 11.87 -16.28 -16.14
N GLY A 390 10.94 -16.03 -17.07
CA GLY A 390 9.82 -15.14 -16.83
C GLY A 390 8.75 -15.45 -17.86
N PHE A 391 7.99 -14.44 -18.29
CA PHE A 391 6.87 -14.67 -19.20
C PHE A 391 6.89 -13.77 -20.42
N HIS A 392 6.26 -14.25 -21.48
CA HIS A 392 6.08 -13.45 -22.68
C HIS A 392 4.69 -13.68 -23.25
N GLN A 393 4.08 -12.59 -23.72
CA GLN A 393 2.74 -12.66 -24.27
C GLN A 393 2.74 -13.13 -25.71
N PHE A 394 2.29 -14.35 -25.93
CA PHE A 394 2.10 -14.87 -27.28
C PHE A 394 0.63 -14.78 -27.61
N ASN A 395 0.25 -13.66 -28.21
CA ASN A 395 -1.14 -13.30 -28.45
C ASN A 395 -1.93 -13.32 -27.14
N ASN A 396 -2.73 -14.37 -26.94
CA ASN A 396 -3.60 -14.45 -25.79
C ASN A 396 -2.97 -15.12 -24.57
N ILE A 397 -1.80 -15.73 -24.77
CA ILE A 397 -1.22 -16.54 -23.71
C ILE A 397 0.13 -16.02 -23.22
N ALA A 398 0.23 -15.87 -21.90
CA ALA A 398 1.49 -15.56 -21.24
C ALA A 398 2.24 -16.84 -20.97
N LYS A 399 3.19 -17.17 -21.84
CA LYS A 399 3.94 -18.43 -21.70
C LYS A 399 5.24 -18.24 -20.94
N LEU A 400 5.58 -19.23 -20.11
CA LEU A 400 6.86 -19.29 -19.43
C LEU A 400 8.01 -19.35 -20.44
N VAL A 401 8.94 -18.41 -20.33
CA VAL A 401 10.05 -18.33 -21.27
C VAL A 401 11.37 -18.05 -20.56
N ALA A 402 12.46 -18.28 -21.27
CA ALA A 402 13.76 -17.81 -20.85
C ALA A 402 14.22 -16.80 -21.91
N SER A 403 14.67 -15.63 -21.47
CA SER A 403 14.99 -14.57 -22.40
C SER A 403 16.14 -13.73 -21.89
N ASN A 404 17.10 -13.43 -22.78
CA ASN A 404 18.21 -12.57 -22.42
C ASN A 404 17.76 -11.12 -22.45
N TRP A 405 17.92 -10.45 -21.32
CA TRP A 405 17.48 -9.07 -21.16
C TRP A 405 18.21 -8.12 -22.11
N TYR A 406 19.44 -8.49 -22.47
CA TYR A 406 20.25 -7.65 -23.35
C TYR A 406 19.95 -7.92 -24.82
N ASN A 407 19.10 -8.92 -25.08
CA ASN A 407 18.67 -9.22 -26.43
C ASN A 407 17.41 -8.44 -26.83
N THR A 416 7.82 -9.20 -22.96
CA THR A 416 8.57 -10.10 -22.09
C THR A 416 8.73 -9.45 -20.72
N PHE A 417 8.53 -10.24 -19.66
CA PHE A 417 8.40 -9.67 -18.32
C PHE A 417 8.37 -10.73 -17.22
N GLY A 418 8.34 -10.26 -15.98
CA GLY A 418 8.04 -11.12 -14.85
C GLY A 418 9.07 -12.18 -14.48
N CYS A 419 10.31 -11.76 -14.29
CA CYS A 419 11.36 -12.73 -13.96
C CYS A 419 11.75 -12.71 -12.47
N SER A 420 10.87 -12.18 -11.63
CA SER A 420 11.07 -12.18 -10.17
C SER A 420 10.12 -13.18 -9.48
N TRP A 421 10.68 -14.13 -8.72
CA TRP A 421 9.91 -15.25 -8.18
C TRP A 421 10.06 -15.44 -6.67
N GLU A 422 9.06 -16.07 -6.06
CA GLU A 422 9.21 -16.60 -4.71
C GLU A 422 8.78 -18.06 -4.68
N PHE A 423 9.49 -18.84 -3.87
CA PHE A 423 9.23 -20.28 -3.72
C PHE A 423 8.49 -20.52 -2.42
N ILE A 424 7.29 -21.12 -2.49
CA ILE A 424 6.45 -21.28 -1.30
C ILE A 424 6.22 -22.74 -0.95
N PRO A 425 6.88 -23.22 0.12
CA PRO A 425 6.58 -24.58 0.58
C PRO A 425 5.40 -24.57 1.54
N VAL A 426 4.72 -25.71 1.66
CA VAL A 426 3.66 -25.85 2.66
C VAL A 426 4.23 -25.64 4.07
N ASP A 427 3.57 -24.78 4.85
CA ASP A 427 4.04 -24.46 6.21
C ASP A 427 2.87 -24.39 7.16
N ASP A 428 3.00 -25.01 8.33
CA ASP A 428 1.91 -25.09 9.29
C ASP A 428 1.45 -23.72 9.78
N GLY A 429 2.34 -22.74 9.73
CA GLY A 429 2.00 -21.41 10.19
C GLY A 429 1.14 -20.61 9.23
N TRP A 430 0.94 -21.13 8.03
CA TRP A 430 0.14 -20.42 7.04
C TRP A 430 -1.31 -20.90 7.08
N GLY A 431 -1.50 -22.21 7.15
CA GLY A 431 -2.80 -22.75 7.53
C GLY A 431 -3.79 -23.09 6.42
N GLU A 432 -3.41 -22.86 5.17
CA GLU A 432 -4.10 -23.50 4.04
C GLU A 432 -3.97 -25.01 4.19
N SER A 433 -5.02 -25.77 3.91
CA SER A 433 -4.90 -27.23 3.99
C SER A 433 -4.13 -27.77 2.81
N SER A 434 -3.18 -28.67 3.06
CA SER A 434 -2.46 -29.33 1.97
C SER A 434 -3.11 -30.68 1.60
N LEU A 435 -4.30 -30.92 2.12
CA LEU A 435 -5.01 -32.17 1.84
C LEU A 435 -5.42 -32.27 0.36
N LYS B 9 9.59 29.85 4.07
CA LYS B 9 8.82 28.63 4.30
C LYS B 9 7.44 28.97 4.87
N TYR B 10 6.62 27.93 5.06
CA TYR B 10 5.22 28.10 5.44
C TYR B 10 4.95 28.00 6.94
N ASN B 11 6.01 27.87 7.75
CA ASN B 11 5.83 27.72 9.21
C ASN B 11 4.89 26.55 9.55
N CYS B 12 5.10 25.43 8.87
CA CYS B 12 4.27 24.27 9.06
C CYS B 12 4.53 23.65 10.43
N ILE B 13 3.48 23.47 11.23
CA ILE B 13 3.66 22.88 12.56
C ILE B 13 2.96 21.53 12.68
N LEU B 14 2.33 21.09 11.59
CA LEU B 14 1.75 19.74 11.49
C LEU B 14 1.54 19.38 10.03
N ASN B 15 2.05 18.23 9.61
CA ASN B 15 1.90 17.78 8.22
C ASN B 15 1.61 16.29 8.18
N ILE B 16 0.34 15.93 8.03
CA ILE B 16 -0.06 14.54 8.07
C ILE B 16 0.16 13.90 6.71
N LYS B 17 1.09 12.94 6.67
CA LYS B 17 1.56 12.37 5.42
C LYS B 17 1.79 10.87 5.54
N TYR B 18 1.43 10.11 4.51
CA TYR B 18 1.79 8.71 4.48
C TYR B 18 3.30 8.56 4.23
N GLU B 19 3.96 7.75 5.06
CA GLU B 19 5.37 7.42 4.84
C GLU B 19 5.50 5.94 4.48
N MET B 20 5.92 5.67 3.24
CA MET B 20 5.97 4.30 2.75
C MET B 20 6.92 3.44 3.56
N ASP B 21 8.04 4.03 3.97
CA ASP B 21 9.07 3.33 4.75
C ASP B 21 8.50 2.75 6.04
N ARG B 22 7.47 3.39 6.58
CA ARG B 22 6.85 2.94 7.83
C ARG B 22 5.47 2.33 7.62
N ASP B 23 4.94 2.47 6.39
CA ASP B 23 3.59 2.04 6.03
C ASP B 23 2.54 2.62 6.98
N LYS B 24 2.63 3.93 7.22
CA LYS B 24 1.71 4.58 8.15
C LYS B 24 1.63 6.08 7.91
N LEU B 25 0.59 6.71 8.44
CA LEU B 25 0.55 8.17 8.50
C LEU B 25 1.45 8.70 9.61
N VAL B 26 2.25 9.73 9.30
CA VAL B 26 3.07 10.36 10.31
C VAL B 26 2.98 11.87 10.19
N ASP B 27 3.44 12.56 11.23
CA ASP B 27 3.65 14.00 11.14
C ASP B 27 5.04 14.24 10.56
N SER B 28 5.12 14.85 9.40
CA SER B 28 6.41 15.10 8.77
C SER B 28 6.87 16.55 8.94
N SER B 29 6.22 17.28 9.85
CA SER B 29 6.53 18.70 10.02
C SER B 29 7.85 18.92 10.75
N GLY B 30 8.30 17.92 11.51
CA GLY B 30 9.49 18.04 12.33
C GLY B 30 9.18 18.06 13.81
N TYR B 31 7.91 18.32 14.14
CA TYR B 31 7.49 18.43 15.53
C TYR B 31 7.08 17.07 16.10
N ARG B 32 6.93 16.08 15.23
CA ARG B 32 6.68 14.70 15.63
C ARG B 32 5.44 14.52 16.52
N SER B 33 4.35 15.18 16.16
CA SER B 33 3.10 14.92 16.86
C SER B 33 2.64 13.49 16.56
N ARG B 34 2.11 12.83 17.58
CA ARG B 34 1.69 11.44 17.47
C ARG B 34 0.35 11.33 16.76
N ILE B 35 0.21 10.31 15.92
CA ILE B 35 -1.01 10.11 15.16
C ILE B 35 -1.62 8.75 15.46
N ASN B 36 -2.72 8.76 16.19
CA ASN B 36 -3.40 7.54 16.60
C ASN B 36 -4.55 7.24 15.63
N ILE B 37 -4.46 6.09 14.97
CA ILE B 37 -5.44 5.69 13.97
C ILE B 37 -6.41 4.65 14.54
N GLY B 38 -7.71 4.97 14.54
CA GLY B 38 -8.69 4.04 15.06
C GLY B 38 -8.86 2.84 14.14
N THR B 39 -9.47 1.79 14.65
CA THR B 39 -9.60 0.56 13.88
C THR B 39 -10.63 0.67 12.75
N GLY B 40 -11.47 1.70 12.80
CA GLY B 40 -12.54 1.85 11.84
C GLY B 40 -12.19 2.74 10.66
N VAL B 41 -10.96 3.25 10.64
CA VAL B 41 -10.49 4.08 9.54
C VAL B 41 -10.18 3.18 8.34
N LYS B 42 -10.58 3.61 7.15
CA LYS B 42 -10.25 2.86 5.94
C LYS B 42 -9.34 3.70 5.06
N PHE B 43 -8.43 3.02 4.36
CA PHE B 43 -7.47 3.68 3.46
C PHE B 43 -7.73 3.27 2.01
N SER B 44 -7.54 4.20 1.10
CA SER B 44 -7.52 3.86 -0.33
C SER B 44 -6.35 2.90 -0.60
N GLU B 45 -6.57 1.93 -1.48
CA GLU B 45 -5.51 0.99 -1.83
C GLU B 45 -4.51 1.64 -2.79
N ILE B 46 -5.00 2.61 -3.55
CA ILE B 46 -4.20 3.24 -4.60
C ILE B 46 -3.39 4.42 -4.05
N ASP B 47 -4.00 5.19 -3.17
CA ASP B 47 -3.35 6.37 -2.59
C ASP B 47 -3.50 6.34 -1.07
N LYS B 48 -2.46 5.89 -0.39
CA LYS B 48 -2.55 5.65 1.06
C LYS B 48 -2.65 6.93 1.89
N ASN B 49 -2.58 8.09 1.25
CA ASN B 49 -2.88 9.34 1.95
C ASN B 49 -4.37 9.57 2.12
N GLN B 50 -5.18 8.91 1.27
CA GLN B 50 -6.62 9.10 1.32
C GLN B 50 -7.23 8.25 2.43
N VAL B 51 -7.87 8.94 3.37
CA VAL B 51 -8.43 8.31 4.56
C VAL B 51 -9.95 8.45 4.57
N GLN B 52 -10.68 7.38 4.86
CA GLN B 52 -12.14 7.47 4.91
C GLN B 52 -12.61 7.37 6.35
N LEU B 53 -13.32 8.41 6.81
CA LEU B 53 -13.95 8.38 8.13
C LEU B 53 -15.46 8.14 7.98
N SER B 54 -15.94 7.04 8.54
CA SER B 54 -17.34 6.69 8.50
C SER B 54 -18.01 7.07 9.81
N ASN B 55 -19.32 6.87 9.91
CA ASN B 55 -20.04 7.27 11.11
C ASN B 55 -20.02 6.14 12.15
N LEU B 56 -18.79 5.85 12.60
CA LEU B 56 -18.52 4.83 13.62
C LEU B 56 -17.53 5.38 14.66
N GLU B 57 -17.73 5.02 15.92
CA GLU B 57 -16.88 5.50 17.00
C GLU B 57 -15.40 5.15 16.79
N SER B 58 -15.15 4.01 16.15
CA SER B 58 -13.78 3.56 15.93
C SER B 58 -13.18 4.16 14.67
N SER B 59 -14.00 4.86 13.87
CA SER B 59 -13.52 5.47 12.63
C SER B 59 -13.05 6.89 12.91
N LYS B 60 -11.84 7.00 13.46
CA LYS B 60 -11.35 8.27 13.93
C LYS B 60 -9.83 8.31 13.88
N ILE B 61 -9.29 9.50 13.72
CA ILE B 61 -7.86 9.72 13.87
C ILE B 61 -7.69 10.78 14.93
N GLU B 62 -6.78 10.55 15.87
CA GLU B 62 -6.49 11.53 16.89
C GLU B 62 -5.03 11.93 16.85
N VAL B 63 -4.78 13.23 16.70
CA VAL B 63 -3.41 13.74 16.77
C VAL B 63 -3.15 14.24 18.18
N ILE B 64 -2.10 13.72 18.82
CA ILE B 64 -1.67 14.25 20.11
C ILE B 64 -0.55 15.24 19.85
N LEU B 65 -0.86 16.53 19.99
CA LEU B 65 0.03 17.57 19.52
C LEU B 65 1.26 17.71 20.40
N ASN B 66 2.39 17.88 19.73
CA ASN B 66 3.61 18.36 20.35
C ASN B 66 3.28 19.58 21.22
N ASN B 67 3.81 19.59 22.45
CA ASN B 67 3.55 20.66 23.41
C ASN B 67 3.71 22.06 22.80
N GLY B 68 4.69 22.20 21.92
CA GLY B 68 5.02 23.49 21.36
C GLY B 68 4.10 23.99 20.27
N VAL B 69 3.16 23.15 19.83
CA VAL B 69 2.22 23.58 18.79
C VAL B 69 0.76 23.59 19.28
N ILE B 70 0.56 23.44 20.59
CA ILE B 70 -0.77 23.63 21.18
C ILE B 70 -1.18 25.09 21.08
N TYR B 71 -2.40 25.35 20.65
CA TYR B 71 -2.84 26.74 20.51
C TYR B 71 -3.48 27.26 21.79
N ASN B 72 -2.88 28.30 22.36
CA ASN B 72 -3.48 29.04 23.48
C ASN B 72 -3.03 30.49 23.39
N SER B 73 -3.84 31.32 22.73
CA SER B 73 -3.38 32.67 22.40
C SER B 73 -4.50 33.65 22.12
N MET B 74 -4.23 34.93 22.36
CA MET B 74 -5.11 36.02 21.95
C MET B 74 -4.72 36.57 20.58
N TYR B 75 -3.49 36.30 20.14
CA TYR B 75 -2.95 37.05 19.01
C TYR B 75 -2.24 36.22 17.94
N GLU B 76 -1.95 34.96 18.21
CA GLU B 76 -1.16 34.16 17.27
C GLU B 76 -1.94 33.79 16.01
N ASN B 77 -1.46 34.26 14.87
CA ASN B 77 -2.09 33.89 13.60
C ASN B 77 -1.80 32.44 13.26
N PHE B 78 -2.75 31.80 12.58
CA PHE B 78 -2.54 30.41 12.14
C PHE B 78 -3.44 30.05 10.98
N SER B 79 -3.03 29.03 10.22
CA SER B 79 -3.81 28.53 9.11
C SER B 79 -3.88 27.00 9.13
N THR B 80 -4.83 26.47 8.38
CA THR B 80 -4.97 25.04 8.21
C THR B 80 -5.34 24.75 6.76
N SER B 81 -4.92 23.60 6.25
CA SER B 81 -5.33 23.19 4.93
C SER B 81 -5.57 21.68 4.90
N PHE B 82 -6.45 21.23 4.02
CA PHE B 82 -6.68 19.80 3.85
C PHE B 82 -7.49 19.63 2.57
N TRP B 83 -7.49 18.41 2.06
CA TRP B 83 -8.37 18.01 0.96
C TRP B 83 -9.49 17.16 1.55
N ILE B 84 -10.70 17.33 1.02
CA ILE B 84 -11.84 16.57 1.51
C ILE B 84 -12.72 16.17 0.33
N ARG B 85 -13.40 15.04 0.47
CA ARG B 85 -14.35 14.59 -0.55
C ARG B 85 -15.63 14.17 0.18
N ILE B 86 -16.72 14.86 -0.12
CA ILE B 86 -17.98 14.71 0.59
C ILE B 86 -19.03 14.13 -0.33
N PRO B 87 -19.63 13.00 0.06
CA PRO B 87 -20.68 12.39 -0.76
C PRO B 87 -21.86 13.32 -0.96
N LYS B 88 -22.59 13.12 -2.04
CA LYS B 88 -23.83 13.84 -2.25
C LYS B 88 -24.75 13.60 -1.04
N TYR B 89 -25.50 14.62 -0.64
CA TYR B 89 -26.53 14.44 0.38
C TYR B 89 -27.84 14.02 -0.31
N PHE B 90 -28.44 12.95 0.17
CA PHE B 90 -29.62 12.36 -0.49
C PHE B 90 -30.89 12.60 0.28
N ARG B 91 -30.71 12.99 1.53
CA ARG B 91 -31.81 13.21 2.43
C ARG B 91 -31.54 14.53 3.09
N ASN B 92 -32.58 15.21 3.55
CA ASN B 92 -32.35 16.37 4.36
C ASN B 92 -31.71 15.95 5.69
N ILE B 93 -30.96 16.88 6.26
CA ILE B 93 -30.54 16.79 7.64
C ILE B 93 -30.76 18.16 8.28
N ASN B 94 -30.20 19.20 7.66
CA ASN B 94 -29.89 20.45 8.39
C ASN B 94 -29.49 20.20 9.83
N ASN B 95 -28.67 19.18 10.00
CA ASN B 95 -28.20 18.82 11.30
C ASN B 95 -26.68 18.82 11.32
N GLU B 96 -26.11 19.98 11.63
CA GLU B 96 -24.68 20.21 11.52
C GLU B 96 -23.88 19.21 12.35
N TYR B 97 -22.84 18.65 11.76
CA TYR B 97 -22.00 17.70 12.47
C TYR B 97 -20.51 18.04 12.35
N LYS B 98 -19.77 17.88 13.44
CA LYS B 98 -18.33 18.11 13.44
C LYS B 98 -17.60 17.00 12.70
N ILE B 99 -16.47 17.35 12.07
CA ILE B 99 -15.60 16.34 11.48
C ILE B 99 -14.15 16.50 11.93
N ILE B 100 -13.73 17.73 12.24
CA ILE B 100 -12.38 17.97 12.75
C ILE B 100 -12.48 18.87 13.97
N SER B 101 -11.97 18.40 15.11
CA SER B 101 -12.21 19.12 16.36
C SER B 101 -10.95 19.35 17.21
N CYS B 102 -10.70 20.60 17.52
CA CYS B 102 -9.63 20.94 18.44
C CYS B 102 -10.21 21.83 19.54
N MET B 103 -11.10 21.25 20.33
CA MET B 103 -11.92 22.00 21.29
C MET B 103 -11.70 21.48 22.70
N GLN B 104 -11.53 22.41 23.65
CA GLN B 104 -11.53 22.06 25.07
C GLN B 104 -12.28 23.13 25.88
N ASN B 105 -13.15 22.69 26.79
CA ASN B 105 -13.95 23.62 27.61
C ASN B 105 -14.58 24.74 26.80
N ASN B 106 -15.21 24.38 25.69
CA ASN B 106 -15.92 25.34 24.84
C ASN B 106 -15.03 26.44 24.27
N SER B 107 -13.78 26.10 23.96
CA SER B 107 -12.87 27.01 23.28
C SER B 107 -11.97 26.23 22.33
N GLY B 108 -11.57 26.86 21.23
CA GLY B 108 -10.71 26.21 20.25
C GLY B 108 -11.18 26.46 18.82
N TRP B 109 -10.87 25.52 17.93
CA TRP B 109 -11.33 25.59 16.56
C TRP B 109 -11.88 24.24 16.13
N GLU B 110 -12.67 24.26 15.07
CA GLU B 110 -13.33 23.05 14.59
C GLU B 110 -13.82 23.25 13.17
N VAL B 111 -13.89 22.14 12.45
CA VAL B 111 -14.52 22.10 11.14
C VAL B 111 -15.77 21.25 11.26
N SER B 112 -16.89 21.74 10.73
CA SER B 112 -18.13 20.98 10.71
C SER B 112 -18.74 21.03 9.32
N LEU B 113 -19.71 20.15 9.08
CA LEU B 113 -20.37 20.05 7.77
C LEU B 113 -21.86 20.19 8.02
N ASN B 114 -22.59 20.65 7.02
CA ASN B 114 -24.04 20.71 7.12
C ASN B 114 -24.65 20.63 5.71
N PHE B 115 -25.93 20.34 5.66
CA PHE B 115 -26.64 20.29 4.40
C PHE B 115 -28.01 20.90 4.61
N SER B 116 -28.36 21.87 3.78
CA SER B 116 -29.59 22.62 3.94
C SER B 116 -29.94 23.39 2.65
N ASN B 117 -31.21 23.40 2.29
CA ASN B 117 -31.67 24.10 1.08
C ASN B 117 -30.81 23.75 -0.12
N MET B 118 -30.61 22.44 -0.31
CA MET B 118 -29.80 21.88 -1.40
C MET B 118 -28.33 22.29 -1.39
N ASN B 119 -27.88 22.95 -0.33
CA ASN B 119 -26.47 23.35 -0.28
C ASN B 119 -25.66 22.55 0.71
N SER B 120 -24.55 22.00 0.23
CA SER B 120 -23.56 21.38 1.11
C SER B 120 -22.65 22.47 1.68
N LYS B 121 -22.35 22.39 2.98
CA LYS B 121 -21.60 23.44 3.68
C LYS B 121 -20.36 22.90 4.36
N ILE B 122 -19.27 23.67 4.27
CA ILE B 122 -18.05 23.43 5.05
C ILE B 122 -17.89 24.63 5.97
N ILE B 123 -17.88 24.37 7.28
CA ILE B 123 -17.98 25.42 8.27
C ILE B 123 -16.77 25.43 9.17
N TRP B 124 -16.17 26.62 9.29
CA TRP B 124 -15.06 26.87 10.20
C TRP B 124 -15.54 27.66 11.39
N THR B 125 -15.31 27.14 12.59
CA THR B 125 -15.73 27.85 13.79
C THR B 125 -14.55 28.09 14.74
N LEU B 126 -14.43 29.32 15.20
CA LEU B 126 -13.51 29.67 16.29
C LEU B 126 -14.33 29.98 17.54
N GLN B 127 -13.81 29.64 18.71
CA GLN B 127 -14.51 29.96 19.95
C GLN B 127 -13.53 30.34 21.05
N ASP B 128 -13.75 31.50 21.67
CA ASP B 128 -12.82 31.97 22.67
C ASP B 128 -13.24 31.48 24.05
N THR B 129 -12.46 31.84 25.07
CA THR B 129 -12.69 31.29 26.40
C THR B 129 -13.88 31.94 27.14
N GLU B 130 -14.48 32.97 26.54
CA GLU B 130 -15.76 33.47 27.04
C GLU B 130 -16.92 32.78 26.33
N GLY B 131 -16.61 31.87 25.42
CA GLY B 131 -17.63 31.13 24.71
C GLY B 131 -18.18 31.82 23.46
N ILE B 132 -17.65 33.00 23.13
CA ILE B 132 -18.07 33.68 21.91
C ILE B 132 -17.55 32.94 20.68
N LYS B 133 -18.41 32.78 19.68
CA LYS B 133 -18.08 32.09 18.44
C LYS B 133 -17.98 33.03 17.25
N LYS B 134 -17.11 32.67 16.31
CA LYS B 134 -17.10 33.27 14.97
C LYS B 134 -17.03 32.15 13.95
N THR B 135 -17.79 32.26 12.86
CA THR B 135 -17.76 31.22 11.83
C THR B 135 -17.53 31.79 10.44
N VAL B 136 -16.93 31.00 9.57
CA VAL B 136 -16.91 31.30 8.14
C VAL B 136 -17.29 30.02 7.38
N VAL B 137 -18.04 30.19 6.31
CA VAL B 137 -18.68 29.06 5.61
C VAL B 137 -18.36 29.09 4.14
N PHE B 138 -18.09 27.92 3.58
CA PHE B 138 -18.15 27.72 2.14
C PHE B 138 -19.35 26.82 1.86
N GLN B 139 -20.12 27.15 0.85
CA GLN B 139 -21.21 26.26 0.46
C GLN B 139 -21.32 26.15 -1.05
N TYR B 140 -21.86 25.03 -1.51
CA TYR B 140 -22.08 24.82 -2.93
C TYR B 140 -23.37 24.04 -3.11
N THR B 141 -24.04 24.29 -4.23
CA THR B 141 -25.37 23.77 -4.46
C THR B 141 -25.40 22.37 -5.07
N GLN B 142 -26.45 21.61 -4.76
CA GLN B 142 -26.71 20.35 -5.45
C GLN B 142 -27.75 20.54 -6.55
N ASN B 143 -28.18 21.80 -6.73
CA ASN B 143 -29.10 22.17 -7.80
C ASN B 143 -28.30 22.73 -8.96
N ILE B 144 -27.71 21.83 -9.74
CA ILE B 144 -26.77 22.22 -10.79
C ILE B 144 -26.49 21.02 -11.70
N ASN B 145 -26.41 21.24 -13.01
CA ASN B 145 -26.24 20.13 -13.95
C ASN B 145 -24.94 19.36 -13.73
N ILE B 146 -23.82 20.08 -13.68
CA ILE B 146 -22.52 19.46 -13.47
C ILE B 146 -21.74 20.34 -12.48
N SER B 147 -21.33 19.74 -11.37
CA SER B 147 -20.70 20.46 -10.27
C SER B 147 -19.20 20.22 -10.17
N ASP B 148 -18.45 21.27 -9.89
CA ASP B 148 -17.01 21.11 -9.62
C ASP B 148 -16.75 20.53 -8.23
N TYR B 149 -17.81 20.42 -7.41
CA TYR B 149 -17.63 20.11 -5.99
C TYR B 149 -18.29 18.83 -5.49
N ILE B 150 -19.48 18.50 -6.01
CA ILE B 150 -20.25 17.42 -5.40
C ILE B 150 -19.52 16.07 -5.53
N ASN B 151 -19.24 15.44 -4.40
CA ASN B 151 -18.51 14.18 -4.35
C ASN B 151 -17.13 14.24 -5.01
N ARG B 152 -16.57 15.45 -5.18
CA ARG B 152 -15.23 15.60 -5.74
C ARG B 152 -14.24 16.12 -4.70
N TRP B 153 -12.97 15.74 -4.85
CA TRP B 153 -11.94 16.30 -3.97
C TRP B 153 -11.94 17.82 -4.03
N ILE B 154 -11.88 18.44 -2.85
CA ILE B 154 -11.92 19.89 -2.73
C ILE B 154 -10.75 20.30 -1.86
N PHE B 155 -9.95 21.25 -2.35
CA PHE B 155 -8.86 21.78 -1.51
C PHE B 155 -9.35 22.93 -0.64
N VAL B 156 -9.22 22.77 0.67
CA VAL B 156 -9.67 23.79 1.61
C VAL B 156 -8.48 24.40 2.32
N THR B 157 -8.46 25.72 2.38
CA THR B 157 -7.44 26.45 3.16
C THR B 157 -8.14 27.53 3.94
N ILE B 158 -7.89 27.55 5.25
CA ILE B 158 -8.50 28.55 6.11
C ILE B 158 -7.39 29.29 6.84
N THR B 159 -7.39 30.62 6.73
CA THR B 159 -6.37 31.40 7.42
C THR B 159 -7.02 32.27 8.48
N ASN B 160 -6.27 32.60 9.53
CA ASN B 160 -6.79 33.38 10.64
C ASN B 160 -5.83 34.46 11.05
N ASN B 161 -6.27 35.70 10.90
CA ASN B 161 -5.54 36.84 11.44
C ASN B 161 -6.28 37.36 12.67
N ARG B 162 -5.65 37.25 13.83
CA ARG B 162 -6.33 37.54 15.10
C ARG B 162 -6.68 39.03 15.23
N LEU B 163 -6.09 39.87 14.40
CA LEU B 163 -6.35 41.30 14.41
C LEU B 163 -7.36 41.71 13.35
N SER B 164 -7.76 40.78 12.49
CA SER B 164 -8.73 41.11 11.43
C SER B 164 -9.67 39.95 11.10
N ASN B 165 -9.37 39.21 10.03
CA ASN B 165 -10.32 38.26 9.47
C ASN B 165 -9.90 36.80 9.47
N SER B 166 -10.88 35.92 9.52
CA SER B 166 -10.69 34.53 9.13
C SER B 166 -11.15 34.42 7.68
N LYS B 167 -10.38 33.71 6.85
CA LYS B 167 -10.70 33.59 5.42
C LYS B 167 -10.73 32.12 4.97
N ILE B 168 -11.71 31.75 4.16
CA ILE B 168 -11.72 30.41 3.60
C ILE B 168 -11.43 30.47 2.10
N TYR B 169 -10.45 29.67 1.67
CA TYR B 169 -10.04 29.54 0.28
C TYR B 169 -10.43 28.17 -0.19
N ILE B 170 -10.93 28.06 -1.42
CA ILE B 170 -11.30 26.79 -2.01
C ILE B 170 -10.53 26.62 -3.30
N ASN B 171 -9.82 25.50 -3.44
CA ASN B 171 -9.02 25.23 -4.63
C ASN B 171 -8.10 26.39 -4.97
N GLY B 172 -7.50 26.95 -3.91
CA GLY B 172 -6.50 27.98 -4.03
C GLY B 172 -7.03 29.40 -4.20
N ARG B 173 -8.35 29.56 -4.23
CA ARG B 173 -8.94 30.88 -4.46
C ARG B 173 -9.78 31.34 -3.28
N LEU B 174 -9.60 32.60 -2.88
CA LEU B 174 -10.38 33.18 -1.78
C LEU B 174 -11.89 33.14 -2.08
N ILE B 175 -12.68 32.62 -1.14
CA ILE B 175 -14.12 32.52 -1.33
C ILE B 175 -14.92 33.39 -0.38
N ASN B 176 -14.54 33.39 0.88
CA ASN B 176 -15.33 34.06 1.90
C ASN B 176 -14.45 34.47 3.07
N GLU B 177 -14.83 35.55 3.75
CA GLU B 177 -14.10 35.97 4.95
C GLU B 177 -15.07 36.53 5.99
N GLU B 178 -14.62 36.54 7.23
CA GLU B 178 -15.42 37.04 8.34
C GLU B 178 -14.49 37.65 9.37
N SER B 179 -14.90 38.78 9.96
CA SER B 179 -14.11 39.41 11.01
C SER B 179 -14.06 38.52 12.25
N ILE B 180 -12.88 38.38 12.83
CA ILE B 180 -12.72 37.65 14.08
C ILE B 180 -12.03 38.50 15.14
N SER B 181 -11.85 39.79 14.85
CA SER B 181 -11.12 40.68 15.75
C SER B 181 -11.75 40.81 17.14
N ASP B 182 -13.05 40.52 17.23
CA ASP B 182 -13.77 40.59 18.50
C ASP B 182 -13.57 39.37 19.40
N LEU B 183 -12.78 38.40 18.93
CA LEU B 183 -12.51 37.22 19.75
C LEU B 183 -11.36 37.44 20.73
N GLY B 184 -11.51 36.89 21.93
CA GLY B 184 -10.48 36.99 22.95
C GLY B 184 -9.52 35.82 22.90
N ASN B 185 -9.12 35.34 24.07
CA ASN B 185 -8.21 34.21 24.13
C ASN B 185 -8.85 32.94 23.60
N ILE B 186 -8.16 32.26 22.70
CA ILE B 186 -8.60 30.97 22.20
C ILE B 186 -7.71 29.89 22.78
N HIS B 187 -8.27 29.04 23.62
CA HIS B 187 -7.52 27.97 24.25
C HIS B 187 -7.95 26.63 23.66
N ALA B 188 -7.27 26.18 22.61
CA ALA B 188 -7.67 24.96 21.91
C ALA B 188 -7.19 23.71 22.63
N SER B 189 -7.54 22.56 22.05
CA SER B 189 -7.27 21.27 22.66
C SER B 189 -5.81 20.84 22.53
N ASN B 190 -5.38 19.95 23.41
CA ASN B 190 -4.09 19.30 23.30
C ASN B 190 -4.08 18.29 22.15
N ASN B 191 -5.26 17.90 21.72
CA ASN B 191 -5.42 16.90 20.66
C ASN B 191 -6.26 17.43 19.53
N ILE B 192 -6.11 16.83 18.36
CA ILE B 192 -7.06 17.06 17.27
C ILE B 192 -7.80 15.76 17.01
N MET B 193 -9.13 15.84 16.96
CA MET B 193 -9.92 14.63 16.71
C MET B 193 -10.58 14.71 15.33
N PHE B 194 -10.15 13.82 14.45
CA PHE B 194 -10.78 13.61 13.15
C PHE B 194 -11.81 12.51 13.30
N LYS B 195 -13.08 12.90 13.25
CA LYS B 195 -14.19 11.98 13.56
C LYS B 195 -15.53 12.64 13.26
N LEU B 196 -16.45 11.92 12.65
CA LEU B 196 -17.82 12.41 12.51
C LEU B 196 -18.48 12.44 13.88
N ASP B 197 -18.91 13.62 14.30
CA ASP B 197 -19.41 13.81 15.65
C ASP B 197 -20.76 14.54 15.59
N GLY B 198 -21.80 13.86 16.04
CA GLY B 198 -23.14 14.45 16.03
C GLY B 198 -23.88 14.22 14.73
N CYS B 199 -23.34 13.37 13.86
CA CYS B 199 -23.97 13.06 12.59
C CYS B 199 -25.04 11.99 12.79
N ARG B 200 -26.28 12.28 12.41
CA ARG B 200 -27.40 11.38 12.71
C ARG B 200 -27.67 10.36 11.60
N ASP B 201 -26.96 10.47 10.49
CA ASP B 201 -27.12 9.52 9.39
C ASP B 201 -26.00 8.48 9.48
N PRO B 202 -26.37 7.24 9.83
CA PRO B 202 -25.42 6.15 10.10
C PRO B 202 -24.49 5.86 8.93
N HIS B 203 -24.88 6.28 7.74
CA HIS B 203 -24.17 5.86 6.55
C HIS B 203 -23.30 6.97 5.94
N ARG B 204 -23.27 8.14 6.57
CA ARG B 204 -22.42 9.23 6.07
C ARG B 204 -20.95 8.91 6.29
N TYR B 205 -20.10 9.47 5.44
CA TYR B 205 -18.66 9.35 5.60
C TYR B 205 -18.01 10.52 4.87
N ILE B 206 -16.73 10.73 5.11
CA ILE B 206 -15.94 11.65 4.29
C ILE B 206 -14.66 10.96 3.94
N TRP B 207 -14.02 11.43 2.87
CA TRP B 207 -12.63 11.14 2.58
C TRP B 207 -11.83 12.41 2.90
N ILE B 208 -10.62 12.23 3.42
CA ILE B 208 -9.78 13.36 3.77
C ILE B 208 -8.32 13.01 3.53
N LYS B 209 -7.48 14.03 3.34
CA LYS B 209 -6.09 13.80 3.04
C LYS B 209 -5.26 15.08 3.25
N TYR B 210 -3.98 14.91 3.59
CA TYR B 210 -3.00 15.99 3.67
C TYR B 210 -3.34 17.09 4.67
N PHE B 211 -3.83 16.74 5.84
CA PHE B 211 -4.10 17.80 6.83
C PHE B 211 -2.81 18.50 7.27
N ASN B 212 -2.83 19.82 7.22
CA ASN B 212 -1.70 20.66 7.59
C ASN B 212 -2.13 21.77 8.54
N LEU B 213 -1.24 22.16 9.44
CA LEU B 213 -1.39 23.36 10.25
C LEU B 213 -0.19 24.27 10.02
N PHE B 214 -0.41 25.59 10.05
CA PHE B 214 0.66 26.55 9.85
C PHE B 214 0.61 27.61 10.94
N ASP B 215 1.77 28.04 11.41
CA ASP B 215 1.84 29.05 12.48
C ASP B 215 1.91 30.45 11.90
N LYS B 216 1.16 30.70 10.84
CA LYS B 216 1.06 32.01 10.23
C LYS B 216 -0.25 32.13 9.47
N GLU B 217 -0.60 33.36 9.12
CA GLU B 217 -1.65 33.61 8.14
C GLU B 217 -1.04 33.47 6.75
N LEU B 218 -1.39 32.41 6.04
CA LEU B 218 -0.87 32.21 4.69
C LEU B 218 -1.42 33.29 3.76
N ASN B 219 -0.60 33.74 2.80
CA ASN B 219 -1.08 34.73 1.83
C ASN B 219 -1.54 34.05 0.54
N LYS B 220 -2.11 34.85 -0.37
CA LYS B 220 -2.72 34.34 -1.60
C LYS B 220 -1.76 33.48 -2.42
N LYS B 221 -0.54 33.99 -2.59
CA LYS B 221 0.47 33.29 -3.38
C LYS B 221 0.86 31.96 -2.74
N GLU B 222 1.04 31.98 -1.42
CA GLU B 222 1.42 30.77 -0.71
C GLU B 222 0.33 29.69 -0.86
N ILE B 223 -0.93 30.11 -0.84
CA ILE B 223 -2.04 29.18 -0.89
C ILE B 223 -2.20 28.55 -2.29
N LYS B 224 -2.00 29.35 -3.32
CA LYS B 224 -2.00 28.84 -4.69
C LYS B 224 -0.86 27.85 -4.90
N ASP B 225 0.34 28.20 -4.43
CA ASP B 225 1.50 27.32 -4.54
C ASP B 225 1.25 26.00 -3.79
N LEU B 226 0.62 26.09 -2.63
CA LEU B 226 0.28 24.91 -1.84
C LEU B 226 -0.69 24.02 -2.58
N TYR B 227 -1.74 24.64 -3.11
CA TYR B 227 -2.72 23.95 -3.95
C TYR B 227 -2.05 23.24 -5.11
N ASP B 228 -1.26 23.99 -5.87
CA ASP B 228 -0.53 23.45 -7.01
C ASP B 228 0.42 22.32 -6.61
N ASN B 229 1.15 22.48 -5.51
CA ASN B 229 2.10 21.45 -5.09
C ASN B 229 1.42 20.17 -4.57
N GLN B 230 0.22 20.29 -4.02
CA GLN B 230 -0.49 19.12 -3.49
C GLN B 230 -1.45 18.49 -4.50
N SER B 231 -1.54 19.07 -5.68
CA SER B 231 -2.47 18.60 -6.71
C SER B 231 -1.99 17.32 -7.41
N ASN B 232 -0.74 16.94 -7.18
CA ASN B 232 -0.12 15.82 -7.90
C ASN B 232 -0.31 15.94 -9.41
N SER B 233 0.18 17.04 -9.98
CA SER B 233 -0.23 17.39 -11.34
C SER B 233 0.41 16.53 -12.43
N GLY B 234 1.31 15.62 -12.08
CA GLY B 234 1.89 14.72 -13.06
C GLY B 234 0.99 13.52 -13.34
N ILE B 235 -0.08 13.39 -12.56
CA ILE B 235 -1.00 12.24 -12.64
C ILE B 235 -2.38 12.69 -13.09
N LEU B 236 -2.95 12.01 -14.09
CA LEU B 236 -4.29 12.37 -14.55
C LEU B 236 -5.32 12.03 -13.47
N LYS B 237 -6.41 12.79 -13.44
CA LYS B 237 -7.47 12.55 -12.47
C LYS B 237 -8.72 12.09 -13.17
N ASP B 238 -9.51 11.26 -12.48
CA ASP B 238 -10.86 10.99 -12.94
C ASP B 238 -11.79 12.13 -12.48
N PHE B 239 -13.07 11.99 -12.79
CA PHE B 239 -14.05 13.04 -12.49
C PHE B 239 -14.10 13.36 -10.99
N TRP B 240 -13.89 12.35 -10.15
CA TRP B 240 -14.04 12.58 -8.71
C TRP B 240 -12.76 13.18 -8.11
N GLY B 241 -11.71 13.28 -8.92
CA GLY B 241 -10.45 13.82 -8.46
C GLY B 241 -9.46 12.77 -8.00
N ASP B 242 -9.87 11.50 -8.04
CA ASP B 242 -8.96 10.39 -7.78
C ASP B 242 -8.04 10.19 -8.97
N TYR B 243 -6.92 9.50 -8.75
CA TYR B 243 -6.00 9.16 -9.83
C TYR B 243 -6.75 8.40 -10.90
N LEU B 244 -6.55 8.82 -12.15
CA LEU B 244 -7.01 8.06 -13.30
C LEU B 244 -6.27 6.72 -13.33
N GLN B 245 -6.96 5.65 -13.72
CA GLN B 245 -6.38 4.31 -13.66
C GLN B 245 -6.60 3.51 -14.92
N TYR B 246 -5.73 2.52 -15.12
CA TYR B 246 -5.86 1.52 -16.18
C TYR B 246 -6.85 0.44 -15.79
N ASP B 247 -7.49 -0.18 -16.78
CA ASP B 247 -8.35 -1.35 -16.58
C ASP B 247 -9.55 -1.03 -15.71
N LYS B 248 -10.03 0.20 -15.83
CA LYS B 248 -11.16 0.64 -15.02
C LYS B 248 -12.19 1.29 -15.94
N PRO B 249 -13.43 0.78 -15.95
CA PRO B 249 -14.46 1.35 -16.85
C PRO B 249 -14.88 2.76 -16.45
N TYR B 250 -14.91 3.66 -17.42
CA TYR B 250 -15.31 5.06 -17.21
C TYR B 250 -16.42 5.49 -18.18
N TYR B 251 -17.46 6.11 -17.64
CA TYR B 251 -18.39 6.89 -18.47
C TYR B 251 -17.70 8.18 -18.88
N MET B 252 -17.96 8.64 -20.10
CA MET B 252 -17.25 9.79 -20.64
C MET B 252 -18.09 11.06 -20.62
N LEU B 253 -17.53 12.12 -20.06
CA LEU B 253 -18.14 13.43 -20.13
C LEU B 253 -17.34 14.29 -21.09
N ASN B 254 -18.00 14.81 -22.12
CA ASN B 254 -17.36 15.76 -23.01
C ASN B 254 -17.85 17.17 -22.69
N LEU B 255 -16.93 18.04 -22.27
CA LEU B 255 -17.30 19.32 -21.70
C LEU B 255 -17.86 20.30 -22.72
N TYR B 256 -17.59 20.04 -23.99
CA TYR B 256 -18.13 20.83 -25.11
C TYR B 256 -19.65 20.82 -25.08
N ASP B 257 -20.26 19.64 -25.21
CA ASP B 257 -21.71 19.55 -25.01
C ASP B 257 -22.02 18.56 -23.89
N PRO B 258 -22.17 19.09 -22.67
CA PRO B 258 -22.45 18.34 -21.45
C PRO B 258 -23.82 17.66 -21.47
N ASN B 259 -24.74 18.15 -22.31
CA ASN B 259 -26.08 17.58 -22.40
C ASN B 259 -26.16 16.39 -23.36
N LYS B 260 -25.02 15.97 -23.90
CA LYS B 260 -24.99 14.82 -24.78
C LYS B 260 -24.06 13.76 -24.23
N TYR B 261 -24.11 12.57 -24.82
CA TYR B 261 -23.26 11.48 -24.37
C TYR B 261 -22.80 10.64 -25.55
N LEU B 262 -21.78 9.83 -25.30
CA LEU B 262 -21.10 9.06 -26.32
C LEU B 262 -21.90 7.80 -26.65
N ASP B 263 -22.08 7.54 -27.93
CA ASP B 263 -22.73 6.32 -28.37
C ASP B 263 -22.02 5.79 -29.61
N VAL B 264 -22.18 4.50 -29.88
CA VAL B 264 -21.62 3.87 -31.06
C VAL B 264 -22.74 3.57 -32.04
N ASN B 265 -22.62 4.04 -33.28
CA ASN B 265 -23.63 3.74 -34.28
C ASN B 265 -23.59 2.27 -34.64
N ASN B 266 -22.39 1.81 -35.01
CA ASN B 266 -22.13 0.38 -35.18
C ASN B 266 -20.65 0.11 -35.00
N VAL B 267 -20.30 -1.10 -34.57
CA VAL B 267 -18.89 -1.44 -34.42
C VAL B 267 -18.29 -1.78 -35.77
N GLY B 268 -16.97 -1.83 -35.84
CA GLY B 268 -16.27 -2.11 -37.08
C GLY B 268 -15.67 -0.86 -37.71
N ILE B 269 -14.78 -1.05 -38.69
CA ILE B 269 -14.07 0.09 -39.29
C ILE B 269 -14.97 0.96 -40.18
N ARG B 270 -16.15 0.47 -40.52
CA ARG B 270 -17.10 1.25 -41.32
C ARG B 270 -18.12 1.95 -40.42
N GLY B 271 -17.95 1.85 -39.11
CA GLY B 271 -18.86 2.45 -38.17
C GLY B 271 -18.27 3.71 -37.56
N TYR B 272 -19.02 4.34 -36.68
CA TYR B 272 -18.54 5.55 -36.04
C TYR B 272 -19.14 5.74 -34.65
N MET B 273 -18.52 6.58 -33.85
CA MET B 273 -19.10 7.00 -32.59
C MET B 273 -19.55 8.45 -32.69
N TYR B 274 -20.50 8.84 -31.86
CA TYR B 274 -21.08 10.17 -31.99
C TYR B 274 -21.71 10.65 -30.70
N LEU B 275 -22.10 11.93 -30.69
CA LEU B 275 -22.76 12.53 -29.55
C LEU B 275 -24.26 12.39 -29.67
N LYS B 276 -24.86 11.67 -28.74
CA LYS B 276 -26.29 11.44 -28.71
C LYS B 276 -26.89 12.23 -27.56
N GLY B 277 -28.12 12.71 -27.70
CA GLY B 277 -28.80 13.41 -26.63
C GLY B 277 -30.27 13.04 -26.58
N PRO B 278 -30.97 13.46 -25.52
CA PRO B 278 -30.39 14.24 -24.41
C PRO B 278 -29.82 13.36 -23.31
N ARG B 279 -28.81 13.88 -22.62
CA ARG B 279 -28.22 13.17 -21.50
C ARG B 279 -29.23 12.89 -20.38
N GLY B 280 -30.11 13.84 -20.09
CA GLY B 280 -31.10 13.62 -19.06
C GLY B 280 -30.65 14.04 -17.66
N ARG B 281 -31.59 14.03 -16.72
CA ARG B 281 -31.34 14.50 -15.36
C ARG B 281 -31.77 13.48 -14.32
N ILE B 282 -31.10 13.52 -13.18
CA ILE B 282 -31.50 12.76 -12.00
C ILE B 282 -31.92 13.75 -10.91
N VAL B 283 -33.01 13.43 -10.23
CA VAL B 283 -33.61 14.38 -9.32
C VAL B 283 -34.11 13.66 -8.07
N THR B 284 -33.94 14.30 -6.92
CA THR B 284 -34.82 14.05 -5.79
C THR B 284 -35.33 15.41 -5.39
N THR B 285 -36.66 15.57 -5.39
CA THR B 285 -37.31 16.87 -5.13
C THR B 285 -36.65 17.68 -4.02
N ASN B 286 -36.16 18.87 -4.35
CA ASN B 286 -35.58 19.81 -3.38
C ASN B 286 -34.37 19.27 -2.62
N ILE B 287 -33.71 18.25 -3.17
CA ILE B 287 -32.52 17.68 -2.57
C ILE B 287 -31.33 17.77 -3.55
N TYR B 288 -31.51 17.25 -4.77
CA TYR B 288 -30.53 17.46 -5.82
C TYR B 288 -31.21 17.41 -7.18
N LEU B 289 -30.58 18.07 -8.17
CA LEU B 289 -31.06 18.03 -9.54
C LEU B 289 -29.81 18.15 -10.40
N ASN B 290 -29.33 17.02 -10.90
CA ASN B 290 -28.05 16.95 -11.59
C ASN B 290 -28.20 16.29 -12.94
N SER B 291 -27.21 16.49 -13.83
CA SER B 291 -27.15 15.71 -15.07
C SER B 291 -26.83 14.27 -14.75
N THR B 292 -27.45 13.34 -15.47
CA THR B 292 -27.17 11.92 -15.32
C THR B 292 -25.74 11.63 -15.80
N LEU B 293 -24.92 10.97 -14.97
CA LEU B 293 -23.52 10.74 -15.33
C LEU B 293 -23.23 9.35 -15.92
N TYR B 294 -24.00 8.34 -15.54
CA TYR B 294 -23.70 6.98 -15.95
C TYR B 294 -24.41 6.70 -17.29
N MET B 295 -23.97 7.41 -18.32
CA MET B 295 -24.61 7.34 -19.63
C MET B 295 -23.61 7.07 -20.72
N GLY B 296 -24.04 6.33 -21.73
CA GLY B 296 -23.26 6.18 -22.93
C GLY B 296 -22.20 5.12 -22.87
N THR B 297 -21.44 5.07 -23.94
CA THR B 297 -20.35 4.13 -24.15
C THR B 297 -19.23 4.31 -23.14
N LYS B 298 -18.81 3.23 -22.50
CA LYS B 298 -17.72 3.32 -21.53
C LYS B 298 -16.38 3.09 -22.21
N PHE B 299 -15.36 3.80 -21.72
CA PHE B 299 -13.97 3.63 -22.12
C PHE B 299 -13.21 2.89 -21.02
N ILE B 300 -12.27 2.04 -21.43
CA ILE B 300 -11.33 1.41 -20.52
C ILE B 300 -9.94 1.71 -21.02
N ILE B 301 -9.09 2.25 -20.16
CA ILE B 301 -7.72 2.58 -20.55
C ILE B 301 -6.80 1.37 -20.38
N LYS B 302 -6.07 1.03 -21.44
CA LYS B 302 -5.16 -0.11 -21.44
C LYS B 302 -3.70 0.31 -21.56
N LYS B 303 -2.86 -0.35 -20.77
CA LYS B 303 -1.44 -0.09 -20.79
C LYS B 303 -0.83 -0.47 -22.11
N TYR B 304 -0.07 0.45 -22.68
CA TYR B 304 0.73 0.15 -23.84
C TYR B 304 2.18 0.37 -23.45
N ALA B 305 2.51 1.62 -23.14
CA ALA B 305 3.83 1.99 -22.65
C ALA B 305 3.75 3.04 -21.54
N SER B 306 3.73 2.57 -20.29
CA SER B 306 3.84 3.50 -19.17
C SER B 306 5.16 3.24 -18.45
N GLY B 307 5.63 4.24 -17.71
CA GLY B 307 6.89 4.14 -17.02
C GLY B 307 6.78 3.44 -15.67
N ASN B 308 5.58 3.04 -15.30
CA ASN B 308 5.35 2.48 -13.97
C ASN B 308 4.65 1.13 -13.98
N LYS B 309 4.78 0.39 -12.88
CA LYS B 309 4.09 -0.89 -12.72
C LYS B 309 2.69 -0.72 -12.12
N ASP B 310 2.49 0.35 -11.35
CA ASP B 310 1.19 0.60 -10.74
C ASP B 310 0.12 0.83 -11.82
N ASN B 311 -1.13 0.96 -11.41
CA ASN B 311 -2.22 1.10 -12.35
C ASN B 311 -2.60 2.55 -12.61
N ILE B 312 -1.70 3.48 -12.30
CA ILE B 312 -2.01 4.91 -12.37
C ILE B 312 -1.60 5.51 -13.72
N VAL B 313 -2.48 6.34 -14.28
CA VAL B 313 -2.25 6.97 -15.58
C VAL B 313 -1.57 8.33 -15.42
N ARG B 314 -0.34 8.46 -15.92
CA ARG B 314 0.43 9.69 -15.78
C ARG B 314 0.48 10.50 -17.09
N ASN B 315 0.81 11.79 -16.97
CA ASN B 315 1.05 12.64 -18.14
C ASN B 315 1.95 11.97 -19.16
N ASN B 316 1.53 12.01 -20.42
CA ASN B 316 2.29 11.53 -21.57
C ASN B 316 2.37 10.01 -21.66
N ASP B 317 1.63 9.32 -20.79
CA ASP B 317 1.49 7.86 -20.91
C ASP B 317 0.88 7.54 -22.27
N ARG B 318 1.43 6.54 -22.95
CA ARG B 318 0.86 6.04 -24.20
C ARG B 318 0.01 4.81 -23.91
N VAL B 319 -1.23 4.83 -24.39
CA VAL B 319 -2.22 3.82 -24.00
C VAL B 319 -3.02 3.34 -25.21
N TYR B 320 -3.78 2.25 -25.01
CA TYR B 320 -4.88 1.92 -25.91
C TYR B 320 -6.17 2.27 -25.18
N ILE B 321 -7.19 2.63 -25.96
CA ILE B 321 -8.51 2.85 -25.39
C ILE B 321 -9.44 1.74 -25.85
N ASN B 322 -10.00 1.01 -24.90
CA ASN B 322 -11.01 0.02 -25.24
C ASN B 322 -12.37 0.66 -25.07
N VAL B 323 -13.29 0.26 -25.93
CA VAL B 323 -14.61 0.80 -26.01
C VAL B 323 -15.61 -0.32 -25.72
N VAL B 324 -16.45 -0.13 -24.71
CA VAL B 324 -17.43 -1.14 -24.33
C VAL B 324 -18.74 -0.94 -25.07
N VAL B 325 -19.11 -1.93 -25.86
CA VAL B 325 -20.36 -1.90 -26.64
C VAL B 325 -21.13 -3.18 -26.39
N LYS B 326 -22.33 -3.04 -25.86
CA LYS B 326 -23.18 -4.17 -25.50
C LYS B 326 -22.37 -5.18 -24.68
N ASN B 327 -21.67 -4.66 -23.67
CA ASN B 327 -20.90 -5.47 -22.71
C ASN B 327 -19.75 -6.25 -23.32
N LYS B 328 -19.25 -5.81 -24.47
CA LYS B 328 -18.06 -6.41 -25.08
C LYS B 328 -17.04 -5.31 -25.39
N GLU B 329 -15.75 -5.62 -25.31
CA GLU B 329 -14.70 -4.63 -25.52
C GLU B 329 -14.18 -4.62 -26.96
N TYR B 330 -14.07 -3.40 -27.50
CA TYR B 330 -13.52 -3.13 -28.83
C TYR B 330 -12.37 -2.14 -28.68
N ARG B 331 -11.69 -1.85 -29.78
CA ARG B 331 -10.54 -0.94 -29.75
C ARG B 331 -10.84 0.35 -30.50
N LEU B 332 -10.64 1.49 -29.84
CA LEU B 332 -10.77 2.80 -30.49
C LEU B 332 -9.64 2.94 -31.50
N ALA B 333 -9.98 3.22 -32.75
CA ALA B 333 -8.94 3.26 -33.80
C ALA B 333 -9.42 3.98 -35.03
N THR B 334 -8.49 4.33 -35.92
CA THR B 334 -8.85 4.98 -37.17
C THR B 334 -7.83 4.71 -38.26
N ASN B 335 -8.29 4.84 -39.49
CA ASN B 335 -7.41 4.86 -40.65
C ASN B 335 -7.12 6.32 -40.97
N ALA B 336 -5.93 6.79 -40.61
CA ALA B 336 -5.59 8.20 -40.78
C ALA B 336 -5.48 8.60 -42.25
N SER B 337 -5.35 7.63 -43.14
CA SER B 337 -5.21 7.98 -44.55
C SER B 337 -6.57 8.25 -45.21
N GLN B 338 -7.64 8.20 -44.42
CA GLN B 338 -8.97 8.55 -44.91
C GLN B 338 -8.97 10.02 -45.31
N ALA B 339 -9.77 10.36 -46.31
CA ALA B 339 -9.81 11.72 -46.84
C ALA B 339 -10.27 12.71 -45.77
N GLY B 340 -9.65 13.88 -45.76
CA GLY B 340 -10.10 14.95 -44.87
C GLY B 340 -9.31 15.09 -43.59
N VAL B 341 -9.32 16.30 -43.05
CA VAL B 341 -8.57 16.65 -41.86
C VAL B 341 -9.09 15.92 -40.61
N GLU B 342 -10.40 15.74 -40.51
CA GLU B 342 -10.97 15.09 -39.33
C GLU B 342 -11.09 13.58 -39.55
N LYS B 343 -10.34 12.83 -38.76
CA LYS B 343 -10.27 11.38 -38.91
C LYS B 343 -11.33 10.72 -38.03
N ILE B 344 -12.33 10.12 -38.67
CA ILE B 344 -13.43 9.52 -37.94
C ILE B 344 -12.97 8.27 -37.22
N LEU B 345 -13.28 8.17 -35.93
CA LEU B 345 -12.84 7.06 -35.12
C LEU B 345 -13.88 5.94 -35.12
N SER B 346 -13.39 4.71 -35.03
CA SER B 346 -14.26 3.54 -35.02
C SER B 346 -13.95 2.68 -33.79
N ALA B 347 -14.90 1.84 -33.41
CA ALA B 347 -14.70 0.82 -32.39
C ALA B 347 -14.53 -0.53 -33.09
N VAL B 348 -13.30 -1.01 -33.16
CA VAL B 348 -12.91 -2.14 -33.97
C VAL B 348 -12.67 -3.38 -33.11
N GLU B 349 -12.95 -4.57 -33.66
CA GLU B 349 -12.63 -5.80 -32.95
C GLU B 349 -11.14 -5.85 -32.67
N ILE B 350 -10.77 -6.09 -31.42
CA ILE B 350 -9.38 -6.01 -30.99
C ILE B 350 -8.39 -6.90 -31.78
N PRO B 351 -8.76 -8.17 -32.08
CA PRO B 351 -7.84 -8.98 -32.89
C PRO B 351 -7.66 -8.47 -34.32
N ASP B 352 -8.50 -7.53 -34.76
CA ASP B 352 -8.52 -7.10 -36.15
C ASP B 352 -8.15 -5.62 -36.33
N VAL B 353 -7.52 -5.02 -35.32
CA VAL B 353 -7.12 -3.63 -35.44
C VAL B 353 -5.99 -3.45 -36.46
N GLY B 354 -5.26 -4.53 -36.74
CA GLY B 354 -4.18 -4.49 -37.71
C GLY B 354 -3.24 -3.31 -37.56
N ASN B 355 -3.06 -2.56 -38.64
CA ASN B 355 -2.16 -1.41 -38.66
C ASN B 355 -2.86 -0.07 -38.46
N LEU B 356 -4.12 -0.12 -38.03
CA LEU B 356 -4.85 1.10 -37.71
C LEU B 356 -4.16 1.91 -36.61
N SER B 357 -4.39 3.22 -36.59
CA SER B 357 -3.84 4.06 -35.54
C SER B 357 -4.68 3.93 -34.28
N GLN B 358 -4.01 3.66 -33.16
CA GLN B 358 -4.72 3.35 -31.93
C GLN B 358 -3.95 3.79 -30.69
N VAL B 359 -2.71 4.23 -30.84
CA VAL B 359 -1.94 4.63 -29.66
C VAL B 359 -2.34 6.05 -29.26
N VAL B 360 -2.76 6.19 -28.00
CA VAL B 360 -3.22 7.47 -27.50
C VAL B 360 -2.29 7.98 -26.41
N VAL B 361 -1.88 9.23 -26.53
CA VAL B 361 -1.09 9.87 -25.50
C VAL B 361 -2.04 10.58 -24.53
N MET B 362 -1.97 10.24 -23.25
CA MET B 362 -2.87 10.81 -22.26
C MET B 362 -2.29 12.11 -21.73
N LYS B 363 -3.13 13.14 -21.64
CA LYS B 363 -2.67 14.44 -21.15
C LYS B 363 -3.67 15.07 -20.20
N SER B 364 -3.17 15.74 -19.16
CA SER B 364 -4.05 16.53 -18.33
C SER B 364 -4.16 17.95 -18.89
N GLU B 365 -5.29 18.59 -18.63
CA GLU B 365 -5.55 19.97 -19.03
C GLU B 365 -5.89 20.77 -17.78
N ASN B 366 -5.00 21.66 -17.39
CA ASN B 366 -5.25 22.51 -16.24
C ASN B 366 -5.58 23.94 -16.69
N ASP B 367 -6.87 24.22 -16.76
CA ASP B 367 -7.36 25.50 -17.26
C ASP B 367 -8.14 26.25 -16.19
N GLN B 368 -8.88 27.26 -16.62
CA GLN B 368 -9.62 28.12 -15.69
C GLN B 368 -10.73 27.39 -14.95
N GLY B 369 -11.61 26.73 -15.71
CA GLY B 369 -12.85 26.24 -15.17
C GLY B 369 -12.79 24.92 -14.43
N ILE B 370 -13.75 24.06 -14.74
CA ILE B 370 -13.94 22.80 -14.01
C ILE B 370 -12.66 21.96 -14.00
N ARG B 371 -12.40 21.33 -12.86
CA ARG B 371 -11.17 20.55 -12.70
C ARG B 371 -11.29 19.14 -13.24
N ASN B 372 -10.15 18.46 -13.29
CA ASN B 372 -10.05 17.05 -13.71
C ASN B 372 -10.31 16.82 -15.20
N LYS B 373 -9.93 17.82 -16.00
CA LYS B 373 -10.01 17.69 -17.46
C LYS B 373 -8.86 16.85 -18.01
N CYS B 374 -9.17 16.00 -19.00
CA CYS B 374 -8.16 15.20 -19.70
C CYS B 374 -8.23 15.41 -21.21
N LYS B 375 -7.10 15.26 -21.90
CA LYS B 375 -7.05 15.29 -23.36
C LYS B 375 -6.42 14.00 -23.86
N MET B 376 -6.76 13.60 -25.09
CA MET B 376 -6.25 12.39 -25.70
C MET B 376 -5.75 12.66 -27.11
N ASN B 377 -4.46 12.45 -27.34
CA ASN B 377 -3.84 12.72 -28.63
C ASN B 377 -3.49 11.41 -29.31
N LEU B 378 -4.16 11.14 -30.42
CA LEU B 378 -3.98 9.89 -31.13
C LEU B 378 -2.73 9.97 -32.02
N GLN B 379 -1.93 8.91 -32.01
CA GLN B 379 -0.72 8.85 -32.84
C GLN B 379 -0.70 7.59 -33.71
N ASP B 380 0.03 7.62 -34.82
CA ASP B 380 0.17 6.39 -35.60
C ASP B 380 1.28 5.53 -34.99
N ASN B 381 1.59 4.41 -35.62
CA ASN B 381 2.55 3.48 -35.04
C ASN B 381 4.00 3.91 -35.21
N ASN B 382 4.23 5.07 -35.84
CA ASN B 382 5.56 5.67 -35.83
C ASN B 382 5.64 6.94 -34.98
N GLY B 383 4.61 7.17 -34.16
CA GLY B 383 4.63 8.29 -33.24
C GLY B 383 4.22 9.63 -33.85
N ASN B 384 3.72 9.62 -35.07
CA ASN B 384 3.28 10.85 -35.70
C ASN B 384 1.90 11.23 -35.18
N ASP B 385 1.70 12.52 -34.89
CA ASP B 385 0.41 13.00 -34.38
C ASP B 385 -0.69 12.86 -35.43
N ILE B 386 -1.80 12.27 -35.03
CA ILE B 386 -3.01 12.27 -35.85
C ILE B 386 -3.95 13.35 -35.37
N GLY B 387 -4.00 13.52 -34.04
CA GLY B 387 -4.69 14.66 -33.49
C GLY B 387 -5.43 14.35 -32.20
N PHE B 388 -5.88 15.40 -31.53
CA PHE B 388 -6.64 15.23 -30.31
C PHE B 388 -8.01 14.69 -30.62
N ILE B 389 -8.49 13.85 -29.72
CA ILE B 389 -9.78 13.23 -29.91
C ILE B 389 -10.88 14.20 -29.46
N GLY B 390 -11.78 14.51 -30.39
CA GLY B 390 -12.87 15.43 -30.13
C GLY B 390 -14.02 15.10 -31.06
N PHE B 391 -14.78 16.12 -31.45
CA PHE B 391 -15.95 15.93 -32.33
C PHE B 391 -15.95 16.89 -33.50
N HIS B 392 -16.74 16.56 -34.51
CA HIS B 392 -16.92 17.41 -35.67
C HIS B 392 -18.26 17.08 -36.32
N GLN B 393 -18.93 18.09 -36.88
CA GLN B 393 -20.24 17.90 -37.47
C GLN B 393 -20.18 17.41 -38.93
N PHE B 394 -20.58 16.15 -39.13
CA PHE B 394 -20.79 15.60 -40.47
C PHE B 394 -22.28 15.32 -40.62
N ASN B 395 -22.88 15.84 -41.69
CA ASN B 395 -24.32 15.79 -41.86
C ASN B 395 -24.99 16.37 -40.62
N ASN B 396 -25.87 15.60 -39.99
CA ASN B 396 -26.52 16.08 -38.78
C ASN B 396 -25.87 15.48 -37.53
N ILE B 397 -24.72 14.85 -37.71
CA ILE B 397 -24.14 14.02 -36.66
C ILE B 397 -22.81 14.57 -36.12
N ALA B 398 -22.70 14.65 -34.80
CA ALA B 398 -21.45 15.01 -34.17
C ALA B 398 -20.60 13.76 -33.97
N LYS B 399 -19.74 13.44 -34.93
CA LYS B 399 -18.95 12.21 -34.89
C LYS B 399 -17.64 12.36 -34.14
N LEU B 400 -17.24 11.30 -33.42
CA LEU B 400 -15.95 11.29 -32.72
C LEU B 400 -14.83 11.29 -33.74
N VAL B 401 -13.86 12.19 -33.58
CA VAL B 401 -12.76 12.28 -34.54
C VAL B 401 -11.44 12.55 -33.84
N ALA B 402 -10.36 12.32 -34.58
CA ALA B 402 -9.04 12.81 -34.18
C ALA B 402 -8.63 13.84 -35.22
N SER B 403 -8.16 14.99 -34.77
CA SER B 403 -7.83 16.06 -35.70
C SER B 403 -6.64 16.87 -35.20
N ASN B 404 -5.66 17.11 -36.07
CA ASN B 404 -4.53 17.98 -35.75
C ASN B 404 -4.97 19.43 -35.84
N TRP B 405 -4.81 20.16 -34.75
CA TRP B 405 -5.30 21.53 -34.65
C TRP B 405 -4.59 22.46 -35.63
N TYR B 406 -3.44 22.03 -36.15
CA TYR B 406 -2.65 22.83 -37.07
C TYR B 406 -2.91 22.42 -38.52
N GLY B 418 -14.10 20.25 -29.25
CA GLY B 418 -14.63 19.49 -28.13
C GLY B 418 -13.70 18.36 -27.73
N CYS B 419 -12.44 18.71 -27.47
CA CYS B 419 -11.43 17.70 -27.20
C CYS B 419 -11.06 17.65 -25.71
N SER B 420 -11.92 18.20 -24.87
CA SER B 420 -11.73 18.17 -23.41
C SER B 420 -12.67 17.13 -22.76
N TRP B 421 -12.10 16.17 -22.03
CA TRP B 421 -12.87 15.04 -21.48
C TRP B 421 -12.71 14.87 -19.97
N GLU B 422 -13.70 14.21 -19.37
CA GLU B 422 -13.58 13.73 -18.00
C GLU B 422 -14.03 12.27 -17.95
N PHE B 423 -13.37 11.48 -17.10
CA PHE B 423 -13.59 10.05 -16.98
C PHE B 423 -14.34 9.77 -15.69
N ILE B 424 -15.53 9.19 -15.80
CA ILE B 424 -16.39 9.05 -14.62
C ILE B 424 -16.62 7.59 -14.25
N PRO B 425 -15.97 7.11 -13.17
CA PRO B 425 -16.28 5.75 -12.70
C PRO B 425 -17.46 5.79 -11.74
N VAL B 426 -18.11 4.65 -11.57
CA VAL B 426 -19.19 4.55 -10.61
C VAL B 426 -18.64 4.78 -9.21
N ASP B 427 -19.30 5.66 -8.46
CA ASP B 427 -18.84 5.96 -7.11
C ASP B 427 -20.04 6.02 -6.19
N ASP B 428 -19.96 5.32 -5.04
CA ASP B 428 -21.04 5.27 -4.07
C ASP B 428 -21.46 6.65 -3.58
N GLY B 429 -20.54 7.60 -3.60
CA GLY B 429 -20.85 8.93 -3.11
C GLY B 429 -21.70 9.74 -4.07
N TRP B 430 -21.88 9.24 -5.28
CA TRP B 430 -22.68 9.95 -6.27
C TRP B 430 -24.13 9.45 -6.21
N GLY B 431 -24.29 8.13 -6.12
CA GLY B 431 -25.58 7.56 -5.77
C GLY B 431 -26.57 7.25 -6.88
N GLU B 432 -26.21 7.53 -8.13
CA GLU B 432 -26.95 6.91 -9.24
C GLU B 432 -26.86 5.39 -9.09
N SER B 433 -27.93 4.66 -9.34
CA SER B 433 -27.84 3.20 -9.26
C SER B 433 -27.09 2.65 -10.46
N SER B 434 -26.13 1.76 -10.21
CA SER B 434 -25.39 1.13 -11.31
C SER B 434 -26.01 -0.21 -11.72
N LEU B 435 -27.21 -0.50 -11.18
CA LEU B 435 -27.87 -1.76 -11.45
C LEU B 435 -28.43 -1.80 -12.88
C ACY C . 25.79 7.35 18.30
O ACY C . 25.04 7.29 17.29
OXT ACY C . 26.13 8.44 18.83
CH3 ACY C . 26.30 6.08 18.89
C ACY D . 17.18 -17.32 20.70
O ACY D . 17.25 -18.56 20.57
OXT ACY D . 17.88 -16.51 20.04
CH3 ACY D . 16.20 -16.78 21.69
C ACY E . 15.48 11.48 19.34
O ACY E . 14.69 10.54 19.05
OXT ACY E . 16.64 11.58 18.89
CH3 ACY E . 14.98 12.53 20.28
C ACY F . 28.40 -3.17 31.48
O ACY F . 27.35 -2.60 31.86
OXT ACY F . 28.64 -3.47 30.29
CH3 ACY F . 29.45 -3.50 32.52
C ACY G . -3.15 24.69 16.54
O ACY G . -3.89 23.83 17.09
OXT ACY G . -1.91 24.75 16.68
CH3 ACY G . -3.79 25.71 15.65
C ACY H . -5.55 13.38 7.33
O ACY H . -5.55 12.14 7.17
OXT ACY H . -4.93 14.20 6.61
CH3 ACY H . -6.39 13.91 8.45
C ACY I . -21.34 26.10 -8.05
O ACY I . -21.17 24.86 -8.13
OXT ACY I . -20.71 26.81 -7.22
CH3 ACY I . -22.34 26.77 -8.92
#